data_1SLL
#
_entry.id   1SLL
#
_cell.length_a   46.364
_cell.length_b   69.275
_cell.length_c   72.469
_cell.angle_alpha   113.48
_cell.angle_beta   95.41
_cell.angle_gamma   107.31
#
_symmetry.space_group_name_H-M   'P 1'
#
loop_
_entity.id
_entity.type
_entity.pdbx_description
1 polymer 'SIALIDASE L'
2 water water
#
_entity_poly.entity_id   1
_entity_poly.type   'polypeptide(L)'
_entity_poly.pdbx_seq_one_letter_code
;IPEGILMEKNNVDIAEGQGYSLDQEAGAKYVKAMTQGTIILSYKSTSENGIQSLFSVGNSTAGNQDRHFHIYITNSGGIG
IELRNTDGVFNYTLDRPASVRALYKGERVFNTVALKADAANKQCRLFANGELLATLDKDAFKFISDITGVDNVTLGGTKR
QGKIAYPFGGTIGDIKVYSNALSDEELIQATGVTTYGENIFYAGDVTESNYFRIPSLLTLSTGTVISAADARYGGTHDSK
SKINIAFAKSTDGGNTWSEPTLPLKFDDYIAKNIDWPRDSVGKNVQIQGSASYIDPVLLEDKLTKRIFLFADLMPAGIGS
SNASVGSGFKEVNGKKYLKLRWHKDAGRAYDYTIREKGVIYNDATNQPTEFRVDGEYNLYQHDTNLTCKQYDYNFSGNNL
IESKTDVDVNMNIFYKNSVFKAFPTNYLAMRYSDDEGASWSDLDIVSSFKPEVSKFLVVGPGIGKQISTGENAGRLLVPL
YSKSSAELGFMYSDDHGDNWTYVEADNLTGGATAEAQIVEMPDGSLKTYLRTGSNCIAEVTSIDGGETWSDRVPLQGIST
TSYGTQLSVINYSQPIDGKPAIILSSPNATNGRKNGKIWIGLVNDTGNTGIDKYSVEWKYSYAVDTPQMGYSYSCLAELP
DGQVGLLYEKYDSWSRNELHLKDILKFEKYSISELTGQA
;
_entity_poly.pdbx_strand_id   A
#
# COMPACT_ATOMS: atom_id res chain seq x y z
N ILE A 1 34.36 12.72 29.07
CA ILE A 1 32.92 13.09 29.17
C ILE A 1 32.18 12.08 30.06
N PRO A 2 31.27 12.57 30.93
CA PRO A 2 30.50 11.71 31.83
C PRO A 2 29.58 10.66 31.19
N GLU A 3 29.27 9.63 31.98
CA GLU A 3 28.39 8.54 31.54
C GLU A 3 26.93 8.89 31.78
N GLY A 4 26.11 8.82 30.74
CA GLY A 4 24.68 9.10 30.90
C GLY A 4 24.18 10.36 30.22
N ILE A 5 23.16 10.95 30.80
CA ILE A 5 22.54 12.16 30.26
C ILE A 5 23.46 13.37 30.38
N LEU A 6 23.88 13.88 29.24
CA LEU A 6 24.73 15.05 29.20
C LEU A 6 23.88 16.31 29.22
N MET A 7 22.66 16.19 28.70
CA MET A 7 21.79 17.35 28.60
C MET A 7 20.34 16.95 28.43
N GLU A 8 19.46 17.76 28.99
CA GLU A 8 18.03 17.52 28.86
C GLU A 8 17.30 18.86 28.96
N LYS A 9 16.34 19.05 28.05
CA LYS A 9 15.54 20.27 27.99
C LYS A 9 14.10 19.86 27.71
N ASN A 10 13.14 20.57 28.30
CA ASN A 10 11.73 20.27 28.10
C ASN A 10 10.93 21.50 27.75
N ASN A 11 9.85 21.28 27.00
CA ASN A 11 8.91 22.31 26.59
C ASN A 11 9.53 23.58 26.04
N VAL A 12 10.21 23.46 24.89
CA VAL A 12 10.83 24.62 24.27
C VAL A 12 10.06 25.03 23.01
N ASP A 13 9.48 26.23 23.02
CA ASP A 13 8.77 26.73 21.85
C ASP A 13 9.76 27.50 20.99
N ILE A 14 9.86 27.10 19.74
CA ILE A 14 10.77 27.72 18.81
C ILE A 14 10.02 28.43 17.70
N ALA A 15 10.25 29.74 17.61
CA ALA A 15 9.64 30.57 16.58
C ALA A 15 10.35 30.24 15.29
N GLU A 16 9.57 30.05 14.24
CA GLU A 16 10.09 29.71 12.92
C GLU A 16 11.28 30.58 12.52
N GLY A 17 12.39 29.93 12.17
CA GLY A 17 13.59 30.63 11.76
C GLY A 17 14.48 31.22 12.84
N GLN A 18 14.11 31.08 14.10
CA GLN A 18 14.92 31.62 15.19
C GLN A 18 15.85 30.61 15.85
N GLY A 19 15.44 29.35 15.93
CA GLY A 19 16.27 28.35 16.57
C GLY A 19 16.25 28.56 18.07
N TYR A 20 17.08 27.82 18.80
CA TYR A 20 17.17 27.96 20.26
C TYR A 20 18.55 27.50 20.69
N SER A 21 19.29 28.35 21.37
CA SER A 21 20.63 28.01 21.80
C SER A 21 20.68 27.18 23.07
N LEU A 22 21.44 26.09 23.02
CA LEU A 22 21.64 25.20 24.15
C LEU A 22 23.09 25.31 24.61
N ASP A 23 23.76 26.37 24.18
CA ASP A 23 25.16 26.58 24.52
C ASP A 23 25.44 26.92 25.98
N GLN A 24 24.46 27.43 26.70
CA GLN A 24 24.70 27.73 28.11
C GLN A 24 24.28 26.57 29.04
N GLU A 25 23.92 25.43 28.46
CA GLU A 25 23.55 24.27 29.27
C GLU A 25 24.84 23.75 29.92
N ALA A 26 24.74 23.27 31.16
CA ALA A 26 25.92 22.77 31.87
C ALA A 26 26.74 21.75 31.08
N GLY A 27 26.04 20.91 30.31
CA GLY A 27 26.71 19.87 29.54
C GLY A 27 27.01 20.17 28.09
N ALA A 28 26.86 21.41 27.64
CA ALA A 28 27.14 21.77 26.24
C ALA A 28 28.56 21.41 25.84
N LYS A 29 29.52 21.63 26.74
CA LYS A 29 30.93 21.29 26.46
C LYS A 29 31.09 19.80 26.15
N TYR A 30 30.26 18.98 26.77
CA TYR A 30 30.34 17.54 26.54
C TYR A 30 29.65 17.20 25.22
N VAL A 31 28.47 17.77 24.99
CA VAL A 31 27.71 17.53 23.76
C VAL A 31 28.55 17.92 22.52
N LYS A 32 29.27 19.03 22.62
CA LYS A 32 30.11 19.50 21.52
C LYS A 32 31.29 18.58 21.23
N ALA A 33 31.49 17.56 22.05
CA ALA A 33 32.62 16.65 21.85
C ALA A 33 32.28 15.15 21.84
N MET A 34 30.99 14.82 21.79
CA MET A 34 30.57 13.42 21.80
C MET A 34 31.26 12.53 20.76
N THR A 35 31.74 11.39 21.21
CA THR A 35 32.42 10.42 20.34
C THR A 35 31.38 9.40 19.82
N GLN A 36 30.25 9.35 20.51
CA GLN A 36 29.12 8.48 20.17
C GLN A 36 28.00 8.93 21.09
N GLY A 37 26.85 8.27 21.03
CA GLY A 37 25.76 8.66 21.91
C GLY A 37 24.35 8.43 21.37
N THR A 38 23.37 8.89 22.13
CA THR A 38 21.98 8.75 21.74
C THR A 38 21.23 10.06 21.94
N ILE A 39 20.40 10.41 20.97
CA ILE A 39 19.61 11.62 21.07
C ILE A 39 18.15 11.21 20.86
N ILE A 40 17.32 11.56 21.82
CA ILE A 40 15.89 11.27 21.72
C ILE A 40 15.12 12.55 21.98
N LEU A 41 14.17 12.83 21.10
CA LEU A 41 13.36 14.02 21.26
C LEU A 41 11.94 13.90 20.79
N SER A 42 11.08 14.59 21.53
CA SER A 42 9.65 14.64 21.29
C SER A 42 9.46 16.03 20.73
N TYR A 43 8.75 16.15 19.61
CA TYR A 43 8.53 17.46 19.00
C TYR A 43 7.19 17.54 18.31
N LYS A 44 6.77 18.76 18.04
CA LYS A 44 5.53 19.07 17.35
C LYS A 44 5.90 20.19 16.36
N SER A 45 5.84 19.89 15.07
CA SER A 45 6.16 20.90 14.06
C SER A 45 4.89 21.63 13.64
N THR A 46 4.97 22.96 13.60
CA THR A 46 3.84 23.77 13.21
C THR A 46 4.22 24.53 11.93
N SER A 47 5.36 24.18 11.35
CA SER A 47 5.85 24.86 10.17
C SER A 47 5.80 24.01 8.90
N GLU A 48 5.64 24.69 7.75
CA GLU A 48 5.61 24.03 6.45
C GLU A 48 6.97 24.14 5.75
N ASN A 49 7.97 24.64 6.46
CA ASN A 49 9.32 24.75 5.88
C ASN A 49 9.70 23.35 5.45
N GLY A 50 10.31 23.26 4.27
CA GLY A 50 10.70 21.97 3.71
C GLY A 50 11.51 21.05 4.60
N ILE A 51 12.68 21.52 5.02
CA ILE A 51 13.57 20.75 5.87
C ILE A 51 13.71 21.50 7.20
N GLN A 52 13.44 20.78 8.28
CA GLN A 52 13.48 21.34 9.63
C GLN A 52 14.39 20.56 10.58
N SER A 53 15.50 21.18 10.99
CA SER A 53 16.43 20.57 11.93
C SER A 53 15.79 20.59 13.30
N LEU A 54 15.82 19.45 13.97
CA LEU A 54 15.28 19.34 15.31
C LEU A 54 16.40 19.67 16.32
N PHE A 55 17.59 19.14 16.06
CA PHE A 55 18.75 19.32 16.94
C PHE A 55 20.02 19.25 16.10
N SER A 56 20.97 20.14 16.38
CA SER A 56 22.24 20.16 15.66
C SER A 56 23.41 20.59 16.54
N VAL A 57 24.60 20.18 16.12
CA VAL A 57 25.84 20.52 16.80
C VAL A 57 26.82 20.73 15.66
N GLY A 58 27.47 21.88 15.63
CA GLY A 58 28.40 22.12 14.55
C GLY A 58 29.19 23.41 14.59
N ASN A 59 29.82 23.72 13.47
CA ASN A 59 30.64 24.91 13.31
C ASN A 59 29.81 25.96 12.57
N SER A 60 29.53 27.07 13.25
CA SER A 60 28.72 28.12 12.66
C SER A 60 29.50 29.19 11.89
N THR A 61 30.82 29.09 11.89
CA THR A 61 31.65 30.11 11.26
C THR A 61 31.69 30.16 9.73
N ALA A 62 32.13 31.28 9.20
CA ALA A 62 32.24 31.52 7.78
C ALA A 62 33.02 30.41 7.08
N GLY A 63 32.52 29.97 5.93
CA GLY A 63 33.18 28.93 5.17
C GLY A 63 33.12 27.53 5.76
N ASN A 64 32.45 27.37 6.90
CA ASN A 64 32.38 26.07 7.54
C ASN A 64 30.94 25.52 7.59
N GLN A 65 30.15 25.95 6.61
CA GLN A 65 28.74 25.57 6.49
C GLN A 65 28.49 24.06 6.29
N ASP A 66 29.53 23.30 5.96
CA ASP A 66 29.39 21.86 5.78
C ASP A 66 29.99 21.08 6.95
N ARG A 67 30.17 21.75 8.08
CA ARG A 67 30.72 21.09 9.26
C ARG A 67 29.66 21.10 10.36
N HIS A 68 28.87 20.03 10.41
CA HIS A 68 27.82 19.93 11.42
C HIS A 68 27.15 18.58 11.41
N PHE A 69 26.39 18.34 12.47
CA PHE A 69 25.61 17.14 12.63
C PHE A 69 24.22 17.63 12.98
N HIS A 70 23.21 17.04 12.37
CA HIS A 70 21.84 17.40 12.70
C HIS A 70 20.87 16.27 12.39
N ILE A 71 19.78 16.27 13.14
CA ILE A 71 18.68 15.33 12.99
C ILE A 71 17.58 16.27 12.49
N TYR A 72 16.95 15.92 11.37
CA TYR A 72 15.93 16.77 10.80
C TYR A 72 14.70 15.97 10.35
N ILE A 73 13.63 16.70 10.07
CA ILE A 73 12.39 16.14 9.55
C ILE A 73 12.02 16.99 8.33
N THR A 74 11.15 16.48 7.48
CA THR A 74 10.73 17.24 6.32
C THR A 74 9.22 17.50 6.43
N ASN A 75 8.70 18.46 5.68
CA ASN A 75 7.27 18.72 5.74
C ASN A 75 6.46 17.59 5.12
N SER A 76 7.15 16.61 4.53
CA SER A 76 6.49 15.45 3.92
C SER A 76 6.65 14.19 4.79
N GLY A 77 7.04 14.38 6.04
CA GLY A 77 7.18 13.27 6.97
C GLY A 77 8.48 12.49 6.94
N GLY A 78 9.44 12.95 6.16
CA GLY A 78 10.73 12.27 6.11
C GLY A 78 11.51 12.61 7.37
N ILE A 79 12.51 11.79 7.68
CA ILE A 79 13.35 12.05 8.84
C ILE A 79 14.74 11.53 8.51
N GLY A 80 15.77 12.23 8.99
CA GLY A 80 17.11 11.77 8.73
C GLY A 80 18.14 12.56 9.50
N ILE A 81 19.40 12.29 9.19
CA ILE A 81 20.50 12.97 9.83
C ILE A 81 21.56 13.21 8.77
N GLU A 82 22.46 14.14 9.06
CA GLU A 82 23.59 14.45 8.20
C GLU A 82 24.72 14.71 9.19
N LEU A 83 25.83 13.99 9.03
CA LEU A 83 27.01 14.11 9.87
C LEU A 83 28.07 14.54 8.87
N ARG A 84 28.48 15.80 8.95
CA ARG A 84 29.41 16.37 7.99
C ARG A 84 30.60 17.16 8.54
N ASN A 85 31.69 17.14 7.79
CA ASN A 85 32.90 17.91 8.13
C ASN A 85 33.55 18.22 6.79
N THR A 86 32.72 18.59 5.83
CA THR A 86 33.04 18.88 4.42
C THR A 86 33.18 17.54 3.72
N ASP A 87 32.67 17.48 2.49
CA ASP A 87 32.64 16.26 1.69
C ASP A 87 33.94 15.49 1.50
N GLY A 88 35.07 16.19 1.51
CA GLY A 88 36.36 15.52 1.37
C GLY A 88 36.77 14.77 2.63
N VAL A 89 36.19 15.13 3.77
CA VAL A 89 36.50 14.47 5.03
C VAL A 89 35.42 13.41 5.31
N PHE A 90 34.17 13.83 5.44
CA PHE A 90 33.07 12.88 5.60
C PHE A 90 31.71 13.52 5.41
N ASN A 91 30.78 12.72 4.91
CA ASN A 91 29.42 13.18 4.68
C ASN A 91 28.52 11.95 4.84
N TYR A 92 28.19 11.65 6.09
CA TYR A 92 27.36 10.50 6.42
C TYR A 92 25.90 10.92 6.52
N THR A 93 25.04 10.26 5.75
CA THR A 93 23.63 10.59 5.75
C THR A 93 22.81 9.31 5.90
N LEU A 94 21.64 9.45 6.50
CA LEU A 94 20.73 8.34 6.71
C LEU A 94 19.35 8.96 6.84
N ASP A 95 18.35 8.37 6.18
CA ASP A 95 16.98 8.88 6.25
C ASP A 95 15.97 7.83 5.84
N ARG A 96 14.69 8.12 6.08
CA ARG A 96 13.61 7.24 5.66
C ARG A 96 12.37 8.11 5.52
N PRO A 97 11.82 8.19 4.31
CA PRO A 97 10.62 8.98 4.04
C PRO A 97 9.41 8.44 4.83
N ALA A 98 8.35 9.24 4.87
CA ALA A 98 7.10 8.89 5.52
C ALA A 98 7.24 8.22 6.89
N SER A 99 8.17 8.73 7.70
CA SER A 99 8.43 8.18 9.03
C SER A 99 7.63 8.85 10.15
N VAL A 100 7.33 10.14 10.00
CA VAL A 100 6.58 10.90 11.00
C VAL A 100 5.41 11.61 10.34
N ARG A 101 4.52 12.19 11.13
CA ARG A 101 3.36 12.90 10.60
C ARG A 101 3.27 14.27 11.28
N ALA A 102 2.38 15.13 10.83
CA ALA A 102 2.27 16.46 11.41
C ALA A 102 0.96 16.74 12.12
N LEU A 103 -0.14 16.33 11.48
CA LEU A 103 -1.46 16.57 12.02
C LEU A 103 -2.26 15.28 12.04
N TYR A 104 -3.10 15.14 13.06
CA TYR A 104 -3.95 13.98 13.22
C TYR A 104 -5.25 14.50 13.82
N LYS A 105 -6.35 14.21 13.14
CA LYS A 105 -7.68 14.66 13.56
C LYS A 105 -7.75 16.14 13.91
N GLY A 106 -7.32 16.95 12.96
CA GLY A 106 -7.37 18.40 13.10
C GLY A 106 -6.33 19.11 13.95
N GLU A 107 -5.47 18.38 14.65
CA GLU A 107 -4.48 19.03 15.48
C GLU A 107 -3.07 18.53 15.26
N ARG A 108 -2.10 19.44 15.40
CA ARG A 108 -0.69 19.11 15.24
C ARG A 108 -0.38 18.17 16.39
N VAL A 109 0.34 17.09 16.12
CA VAL A 109 0.66 16.11 17.15
C VAL A 109 2.16 15.91 17.37
N PHE A 110 2.51 15.41 18.55
CA PHE A 110 3.90 15.15 18.87
C PHE A 110 4.39 13.84 18.27
N ASN A 111 5.66 13.82 17.89
CA ASN A 111 6.31 12.64 17.34
C ASN A 111 7.55 12.46 18.21
N THR A 112 7.98 11.22 18.37
CA THR A 112 9.16 10.93 19.18
C THR A 112 10.16 10.20 18.30
N VAL A 113 11.35 10.77 18.21
CA VAL A 113 12.39 10.24 17.35
C VAL A 113 13.68 10.04 18.13
N ALA A 114 14.59 9.24 17.58
CA ALA A 114 15.87 8.98 18.22
C ALA A 114 16.95 8.56 17.25
N LEU A 115 18.16 9.01 17.53
CA LEU A 115 19.32 8.63 16.75
C LEU A 115 20.30 7.98 17.71
N LYS A 116 20.83 6.85 17.31
CA LYS A 116 21.80 6.13 18.10
C LYS A 116 23.09 6.00 17.29
N ALA A 117 24.17 6.58 17.81
CA ALA A 117 25.49 6.51 17.18
C ALA A 117 26.26 5.53 18.07
N ASP A 118 26.40 4.31 17.56
CA ASP A 118 27.04 3.21 18.27
C ASP A 118 28.47 2.95 17.80
N ALA A 119 29.44 3.50 18.52
CA ALA A 119 30.85 3.33 18.15
C ALA A 119 31.28 1.86 18.16
N ALA A 120 30.91 1.14 19.22
CA ALA A 120 31.27 -0.28 19.35
C ALA A 120 30.88 -1.09 18.13
N ASN A 121 29.69 -0.81 17.59
CA ASN A 121 29.25 -1.56 16.42
C ASN A 121 29.40 -0.79 15.13
N LYS A 122 30.02 0.39 15.19
CA LYS A 122 30.24 1.25 14.03
C LYS A 122 28.93 1.32 13.24
N GLN A 123 27.90 1.80 13.92
CA GLN A 123 26.57 1.84 13.35
C GLN A 123 25.72 3.00 13.86
N CYS A 124 24.91 3.55 12.96
CA CYS A 124 23.99 4.64 13.30
C CYS A 124 22.57 4.12 13.02
N ARG A 125 21.63 4.40 13.92
CA ARG A 125 20.25 3.94 13.73
C ARG A 125 19.23 5.01 14.07
N LEU A 126 18.21 5.14 13.24
CA LEU A 126 17.14 6.13 13.43
C LEU A 126 15.84 5.44 13.80
N PHE A 127 15.14 6.02 14.76
CA PHE A 127 13.87 5.48 15.23
C PHE A 127 12.85 6.60 15.25
N ALA A 128 11.58 6.26 15.05
CA ALA A 128 10.50 7.24 15.11
C ALA A 128 9.21 6.50 15.42
N ASN A 129 8.48 7.03 16.40
CA ASN A 129 7.19 6.49 16.82
C ASN A 129 7.12 4.98 17.04
N GLY A 130 8.16 4.43 17.65
CA GLY A 130 8.20 3.01 17.96
C GLY A 130 8.74 2.11 16.87
N GLU A 131 9.26 2.70 15.80
CA GLU A 131 9.78 1.93 14.68
C GLU A 131 11.26 2.19 14.41
N LEU A 132 12.01 1.12 14.09
CA LEU A 132 13.41 1.25 13.72
C LEU A 132 13.32 1.57 12.23
N LEU A 133 13.72 2.79 11.85
CA LEU A 133 13.60 3.23 10.48
C LEU A 133 14.70 2.86 9.50
N ALA A 134 15.95 3.03 9.91
CA ALA A 134 17.06 2.77 9.02
C ALA A 134 18.34 2.56 9.78
N THR A 135 19.32 1.97 9.12
CA THR A 135 20.61 1.69 9.73
C THR A 135 21.72 2.05 8.74
N LEU A 136 22.80 2.62 9.26
CA LEU A 136 23.95 2.97 8.43
C LEU A 136 25.19 2.36 9.08
N ASP A 137 25.92 1.56 8.33
CA ASP A 137 27.14 0.95 8.83
C ASP A 137 28.31 1.66 8.17
N LYS A 138 29.34 1.94 8.95
CA LYS A 138 30.53 2.62 8.46
C LYS A 138 31.80 2.14 9.15
N ASP A 139 32.74 1.63 8.38
CA ASP A 139 34.01 1.15 8.92
C ASP A 139 34.73 2.30 9.63
N ALA A 140 34.68 3.48 9.03
CA ALA A 140 35.31 4.65 9.64
C ALA A 140 34.23 5.38 10.42
N PHE A 141 33.95 4.91 11.63
CA PHE A 141 32.92 5.53 12.47
C PHE A 141 33.29 6.96 12.83
N LYS A 142 32.33 7.87 12.71
CA LYS A 142 32.55 9.27 13.03
C LYS A 142 31.39 9.83 13.84
N PHE A 143 31.65 10.88 14.59
CA PHE A 143 30.59 11.57 15.32
C PHE A 143 31.04 13.01 15.56
N ILE A 144 30.37 13.71 16.47
CA ILE A 144 30.66 15.11 16.75
C ILE A 144 32.12 15.45 17.05
N SER A 145 32.81 14.57 17.76
CA SER A 145 34.22 14.78 18.09
C SER A 145 35.10 14.92 16.83
N ASP A 146 34.59 14.41 15.70
CA ASP A 146 35.33 14.46 14.45
C ASP A 146 34.99 15.69 13.59
N ILE A 147 34.05 16.52 14.03
CA ILE A 147 33.71 17.73 13.29
C ILE A 147 34.69 18.81 13.72
N THR A 148 35.28 19.52 12.76
CA THR A 148 36.25 20.57 13.05
C THR A 148 35.64 21.89 13.48
N GLY A 149 36.13 22.43 14.58
CA GLY A 149 35.68 23.72 15.08
C GLY A 149 34.25 23.86 15.54
N VAL A 150 33.70 22.82 16.18
CA VAL A 150 32.33 22.89 16.67
C VAL A 150 32.23 24.05 17.64
N ASP A 151 31.20 24.88 17.50
CA ASP A 151 31.03 26.02 18.39
C ASP A 151 29.60 26.26 18.88
N ASN A 152 28.70 25.31 18.63
CA ASN A 152 27.32 25.53 19.06
C ASN A 152 26.49 24.26 19.14
N VAL A 153 25.46 24.32 19.98
CA VAL A 153 24.52 23.23 20.17
C VAL A 153 23.20 23.98 19.99
N THR A 154 22.43 23.58 18.98
CA THR A 154 21.19 24.27 18.64
C THR A 154 19.95 23.40 18.46
N LEU A 155 18.82 23.97 18.86
CA LEU A 155 17.53 23.32 18.73
C LEU A 155 16.78 24.07 17.63
N GLY A 156 16.09 23.32 16.77
CA GLY A 156 15.28 23.91 15.71
C GLY A 156 15.96 24.56 14.51
N GLY A 157 17.19 24.19 14.24
CA GLY A 157 17.91 24.76 13.12
C GLY A 157 19.36 24.33 13.16
N THR A 158 20.09 24.62 12.09
CA THR A 158 21.51 24.29 12.00
C THR A 158 22.22 25.59 11.64
N LYS A 159 23.18 26.00 12.47
CA LYS A 159 23.91 27.24 12.20
C LYS A 159 24.94 27.07 11.09
N ARG A 160 24.72 27.80 10.00
CA ARG A 160 25.61 27.75 8.84
C ARG A 160 26.00 29.20 8.50
N GLN A 161 27.27 29.52 8.67
CA GLN A 161 27.79 30.86 8.41
C GLN A 161 26.97 31.91 9.17
N GLY A 162 26.71 31.62 10.43
CA GLY A 162 25.98 32.55 11.28
C GLY A 162 24.49 32.67 11.08
N LYS A 163 23.92 31.86 10.19
CA LYS A 163 22.48 31.91 9.93
C LYS A 163 21.82 30.61 10.37
N ILE A 164 20.53 30.69 10.66
CA ILE A 164 19.76 29.52 11.07
C ILE A 164 19.24 28.87 9.77
N ALA A 165 19.82 27.73 9.43
CA ALA A 165 19.40 26.98 8.25
C ALA A 165 18.45 25.87 8.69
N TYR A 166 17.72 25.28 7.73
CA TYR A 166 16.75 24.20 8.02
C TYR A 166 15.94 24.61 9.23
N PRO A 167 15.26 25.77 9.15
CA PRO A 167 14.45 26.30 10.24
C PRO A 167 13.21 25.55 10.62
N PHE A 168 13.17 25.14 11.89
CA PHE A 168 12.05 24.43 12.47
C PHE A 168 11.12 25.46 13.10
N GLY A 169 9.84 25.10 13.21
CA GLY A 169 8.86 25.97 13.84
C GLY A 169 7.99 25.00 14.62
N GLY A 170 7.79 25.26 15.90
CA GLY A 170 6.96 24.38 16.70
C GLY A 170 7.43 24.28 18.14
N THR A 171 7.33 23.08 18.69
CA THR A 171 7.71 22.84 20.08
C THR A 171 8.55 21.58 20.25
N ILE A 172 9.62 21.69 21.03
CA ILE A 172 10.43 20.53 21.35
C ILE A 172 9.90 20.11 22.74
N GLY A 173 9.11 19.05 22.75
CA GLY A 173 8.54 18.58 24.00
C GLY A 173 9.63 18.24 25.01
N ASP A 174 10.61 17.47 24.57
CA ASP A 174 11.71 17.07 25.42
C ASP A 174 12.83 16.57 24.53
N ILE A 175 14.05 16.69 25.02
CA ILE A 175 15.22 16.20 24.33
C ILE A 175 16.21 15.73 25.39
N LYS A 176 16.70 14.52 25.20
CA LYS A 176 17.67 13.93 26.09
C LYS A 176 18.83 13.53 25.22
N VAL A 177 20.04 13.86 25.65
CA VAL A 177 21.26 13.53 24.93
C VAL A 177 22.11 12.67 25.86
N TYR A 178 22.34 11.42 25.47
CA TYR A 178 23.13 10.46 26.25
C TYR A 178 24.48 10.23 25.61
N SER A 179 25.51 10.03 26.41
CA SER A 179 26.85 9.76 25.87
C SER A 179 26.96 8.30 25.46
N ASN A 180 26.10 7.46 26.04
CA ASN A 180 26.11 6.04 25.74
C ASN A 180 25.07 5.68 24.69
N ALA A 181 25.30 4.57 23.99
CA ALA A 181 24.39 4.08 22.95
C ALA A 181 23.33 3.17 23.61
N LEU A 182 22.09 3.65 23.69
CA LEU A 182 21.02 2.87 24.30
C LEU A 182 20.65 1.69 23.39
N SER A 183 19.97 0.70 23.93
CA SER A 183 19.60 -0.46 23.13
C SER A 183 18.45 -0.13 22.19
N ASP A 184 18.31 -0.90 21.11
CA ASP A 184 17.24 -0.68 20.16
C ASP A 184 15.91 -0.83 20.88
N GLU A 185 15.87 -1.79 21.81
CA GLU A 185 14.67 -2.08 22.58
C GLU A 185 14.24 -0.86 23.40
N GLU A 186 15.21 -0.20 24.05
CA GLU A 186 14.89 0.99 24.84
C GLU A 186 14.35 2.08 23.95
N LEU A 187 14.98 2.25 22.78
CA LEU A 187 14.57 3.29 21.84
C LEU A 187 13.23 3.00 21.19
N ILE A 188 12.91 1.73 20.97
CA ILE A 188 11.62 1.35 20.38
C ILE A 188 10.55 1.76 21.40
N GLN A 189 10.75 1.41 22.67
CA GLN A 189 9.81 1.75 23.74
C GLN A 189 9.75 3.24 23.94
N ALA A 190 10.91 3.88 23.98
CA ALA A 190 10.99 5.33 24.16
C ALA A 190 10.21 6.09 23.10
N THR A 191 10.44 5.76 21.83
CA THR A 191 9.77 6.46 20.74
C THR A 191 8.31 6.00 20.52
N GLY A 192 8.00 4.78 20.95
CA GLY A 192 6.65 4.25 20.79
C GLY A 192 5.57 4.92 21.64
N VAL A 193 5.98 5.90 22.42
CA VAL A 193 5.08 6.65 23.29
C VAL A 193 4.04 7.44 22.49
N THR A 194 4.38 7.78 21.25
CA THR A 194 3.48 8.52 20.40
C THR A 194 3.17 7.72 19.14
N THR A 195 1.93 7.25 19.02
CA THR A 195 1.49 6.50 17.85
C THR A 195 0.09 7.00 17.49
N TYR A 196 -0.26 6.97 16.20
CA TYR A 196 -1.56 7.45 15.75
C TYR A 196 -2.17 6.44 14.78
N GLY A 197 -3.42 6.08 15.00
CA GLY A 197 -4.08 5.09 14.16
C GLY A 197 -3.52 3.73 14.54
N GLU A 198 -3.92 2.66 13.86
CA GLU A 198 -3.40 1.33 14.17
C GLU A 198 -3.02 0.56 12.91
N ASN A 199 -2.39 -0.59 13.09
CA ASN A 199 -2.01 -1.44 11.98
C ASN A 199 -2.90 -2.68 12.05
N ILE A 200 -3.17 -3.28 10.89
CA ILE A 200 -3.95 -4.51 10.82
C ILE A 200 -2.88 -5.54 10.48
N PHE A 201 -2.16 -5.29 9.38
CA PHE A 201 -1.07 -6.17 8.94
C PHE A 201 0.22 -5.39 9.28
N TYR A 202 1.27 -6.09 9.70
CA TYR A 202 2.52 -5.41 10.05
C TYR A 202 3.70 -6.33 9.82
N ALA A 203 4.87 -5.73 9.60
CA ALA A 203 6.08 -6.50 9.39
C ALA A 203 6.37 -7.22 10.70
N GLY A 204 6.33 -8.56 10.64
CA GLY A 204 6.57 -9.33 11.85
C GLY A 204 5.40 -10.25 12.16
N ASP A 205 4.23 -9.98 11.56
CA ASP A 205 3.08 -10.83 11.78
C ASP A 205 3.24 -12.17 11.07
N VAL A 206 2.26 -13.06 11.22
CA VAL A 206 2.34 -14.38 10.60
C VAL A 206 2.33 -14.44 9.07
N THR A 207 2.07 -13.32 8.40
CA THR A 207 2.07 -13.35 6.92
C THR A 207 3.50 -13.56 6.44
N GLU A 208 4.46 -13.18 7.27
CA GLU A 208 5.90 -13.27 6.97
C GLU A 208 6.35 -12.27 5.92
N SER A 209 5.54 -11.23 5.70
CA SER A 209 5.89 -10.21 4.73
C SER A 209 6.31 -8.93 5.44
N ASN A 210 7.33 -8.27 4.92
CA ASN A 210 7.79 -7.01 5.51
C ASN A 210 7.00 -5.84 4.95
N TYR A 211 6.33 -6.04 3.82
CA TYR A 211 5.60 -4.94 3.19
C TYR A 211 4.16 -5.27 2.83
N PHE A 212 3.33 -4.24 2.79
CA PHE A 212 1.93 -4.38 2.44
C PHE A 212 1.52 -3.20 1.59
N ARG A 213 0.48 -3.40 0.80
CA ARG A 213 -0.06 -2.38 -0.09
C ARG A 213 -1.46 -2.78 -0.53
N ILE A 214 -2.15 -1.85 -1.18
CA ILE A 214 -3.48 -2.05 -1.74
C ILE A 214 -4.53 -2.52 -0.74
N PRO A 215 -5.07 -1.58 0.03
CA PRO A 215 -6.09 -1.88 1.04
C PRO A 215 -7.50 -2.18 0.55
N SER A 216 -8.17 -3.07 1.29
CA SER A 216 -9.55 -3.47 1.05
C SER A 216 -10.13 -3.54 2.46
N LEU A 217 -11.28 -2.91 2.68
CA LEU A 217 -11.91 -2.88 3.99
C LEU A 217 -13.41 -2.96 3.77
N LEU A 218 -14.12 -3.75 4.57
CA LEU A 218 -15.55 -3.90 4.38
C LEU A 218 -16.28 -4.35 5.62
N THR A 219 -17.38 -3.70 5.95
CA THR A 219 -18.18 -4.09 7.10
C THR A 219 -19.28 -5.00 6.58
N LEU A 220 -19.38 -6.19 7.15
CA LEU A 220 -20.39 -7.17 6.75
C LEU A 220 -21.74 -6.85 7.39
N SER A 221 -22.79 -7.46 6.87
CA SER A 221 -24.14 -7.24 7.39
C SER A 221 -24.28 -7.74 8.83
N THR A 222 -23.35 -8.59 9.25
CA THR A 222 -23.35 -9.15 10.60
C THR A 222 -22.68 -8.23 11.62
N GLY A 223 -21.92 -7.25 11.14
CA GLY A 223 -21.23 -6.36 12.07
C GLY A 223 -19.73 -6.63 12.04
N THR A 224 -19.32 -7.77 11.50
CA THR A 224 -17.92 -8.10 11.42
C THR A 224 -17.29 -7.21 10.36
N VAL A 225 -16.09 -6.69 10.62
CA VAL A 225 -15.41 -5.86 9.64
C VAL A 225 -14.25 -6.72 9.13
N ILE A 226 -14.14 -6.86 7.81
CA ILE A 226 -13.07 -7.66 7.24
C ILE A 226 -12.13 -6.77 6.44
N SER A 227 -10.91 -7.23 6.21
CA SER A 227 -9.94 -6.46 5.46
C SER A 227 -8.99 -7.39 4.73
N ALA A 228 -8.34 -6.87 3.69
CA ALA A 228 -7.39 -7.61 2.90
C ALA A 228 -6.38 -6.62 2.35
N ALA A 229 -5.22 -7.14 1.94
CA ALA A 229 -4.17 -6.30 1.39
C ALA A 229 -3.13 -7.18 0.74
N ASP A 230 -2.37 -6.57 -0.17
CA ASP A 230 -1.26 -7.26 -0.83
C ASP A 230 -0.20 -7.45 0.25
N ALA A 231 0.34 -8.65 0.36
CA ALA A 231 1.44 -8.92 1.27
C ALA A 231 2.60 -8.98 0.27
N ARG A 232 3.29 -7.85 0.12
CA ARG A 232 4.40 -7.74 -0.84
C ARG A 232 5.75 -8.09 -0.23
N TYR A 233 6.23 -9.29 -0.54
CA TYR A 233 7.47 -9.78 0.03
C TYR A 233 8.75 -9.15 -0.52
N GLY A 234 8.84 -9.01 -1.84
CA GLY A 234 10.02 -8.44 -2.46
C GLY A 234 9.96 -6.95 -2.62
N GLY A 235 9.86 -6.24 -1.49
CA GLY A 235 9.74 -4.80 -1.53
C GLY A 235 8.33 -4.47 -1.97
N THR A 236 8.07 -3.20 -2.26
CA THR A 236 6.73 -2.75 -2.66
C THR A 236 6.41 -2.77 -4.16
N HIS A 237 7.26 -3.40 -4.97
CA HIS A 237 7.04 -3.43 -6.42
C HIS A 237 5.71 -4.10 -6.84
N ASP A 238 5.10 -3.59 -7.91
CA ASP A 238 3.89 -4.19 -8.46
C ASP A 238 4.37 -5.51 -9.09
N SER A 239 3.42 -6.39 -9.40
CA SER A 239 3.73 -7.69 -9.96
C SER A 239 4.79 -7.84 -11.02
N LYS A 240 5.40 -9.00 -10.81
CA LYS A 240 6.53 -9.61 -11.43
C LYS A 240 7.22 -9.39 -10.08
N SER A 241 6.84 -10.27 -9.15
CA SER A 241 7.34 -10.24 -7.79
C SER A 241 6.70 -11.42 -7.05
N LYS A 242 6.88 -11.47 -5.74
CA LYS A 242 6.28 -12.50 -4.90
C LYS A 242 5.32 -11.71 -4.01
N ILE A 243 4.03 -11.92 -4.25
CA ILE A 243 2.99 -11.24 -3.49
C ILE A 243 1.85 -12.22 -3.25
N ASN A 244 1.30 -12.17 -2.04
CA ASN A 244 0.18 -13.00 -1.63
C ASN A 244 -0.89 -12.02 -1.17
N ILE A 245 -2.11 -12.50 -0.97
CA ILE A 245 -3.17 -11.64 -0.47
C ILE A 245 -3.41 -12.05 0.99
N ALA A 246 -3.33 -11.08 1.90
CA ALA A 246 -3.54 -11.32 3.34
C ALA A 246 -4.96 -10.91 3.72
N PHE A 247 -5.46 -11.53 4.79
CA PHE A 247 -6.83 -11.28 5.24
C PHE A 247 -6.90 -11.23 6.77
N ALA A 248 -7.78 -10.35 7.28
CA ALA A 248 -7.99 -10.23 8.73
C ALA A 248 -9.37 -9.68 9.01
N LYS A 249 -9.90 -9.98 10.18
CA LYS A 249 -11.22 -9.51 10.55
C LYS A 249 -11.29 -9.01 11.98
N SER A 250 -12.28 -8.14 12.22
CA SER A 250 -12.53 -7.57 13.53
C SER A 250 -13.98 -7.82 13.90
N THR A 251 -14.19 -8.28 15.12
CA THR A 251 -15.53 -8.56 15.59
C THR A 251 -15.89 -7.58 16.70
N ASP A 252 -15.09 -6.53 16.85
CA ASP A 252 -15.36 -5.52 17.88
C ASP A 252 -15.40 -4.09 17.33
N GLY A 253 -15.96 -3.93 16.13
CA GLY A 253 -16.08 -2.61 15.53
C GLY A 253 -14.81 -1.98 15.00
N GLY A 254 -13.81 -2.79 14.70
CA GLY A 254 -12.57 -2.26 14.18
C GLY A 254 -11.50 -1.96 15.21
N ASN A 255 -11.73 -2.36 16.46
CA ASN A 255 -10.75 -2.12 17.51
C ASN A 255 -9.57 -3.07 17.44
N THR A 256 -9.83 -4.37 17.42
CA THR A 256 -8.75 -5.34 17.34
C THR A 256 -8.98 -6.22 16.13
N TRP A 257 -7.90 -6.77 15.59
CA TRP A 257 -7.95 -7.62 14.42
C TRP A 257 -7.33 -9.00 14.68
N SER A 258 -7.89 -10.01 14.03
CA SER A 258 -7.43 -11.39 14.17
C SER A 258 -6.06 -11.61 13.54
N GLU A 259 -5.48 -12.76 13.83
CA GLU A 259 -4.19 -13.15 13.28
C GLU A 259 -4.47 -13.27 11.79
N PRO A 260 -3.65 -12.60 10.96
CA PRO A 260 -3.85 -12.66 9.50
C PRO A 260 -3.65 -14.02 8.83
N THR A 261 -4.42 -14.24 7.77
CA THR A 261 -4.31 -15.47 6.99
C THR A 261 -3.92 -15.07 5.55
N LEU A 262 -3.64 -16.05 4.71
CA LEU A 262 -3.25 -15.83 3.33
C LEU A 262 -4.19 -16.69 2.46
N PRO A 263 -5.43 -16.20 2.20
CA PRO A 263 -6.40 -16.96 1.39
C PRO A 263 -6.00 -17.20 -0.07
N LEU A 264 -5.16 -16.31 -0.60
CA LEU A 264 -4.68 -16.42 -1.97
C LEU A 264 -3.16 -16.31 -1.88
N LYS A 265 -2.47 -17.42 -2.14
CA LYS A 265 -1.01 -17.45 -2.07
C LYS A 265 -0.41 -18.53 -2.96
N PHE A 266 0.85 -18.34 -3.34
CA PHE A 266 1.58 -19.30 -4.14
C PHE A 266 2.79 -19.69 -3.32
N ASP A 267 3.31 -20.88 -3.55
CA ASP A 267 4.45 -21.35 -2.77
C ASP A 267 5.72 -21.64 -3.58
N ASP A 268 5.73 -21.26 -4.86
CA ASP A 268 6.90 -21.49 -5.70
C ASP A 268 8.11 -20.77 -5.11
N TYR A 269 7.87 -19.63 -4.48
CA TYR A 269 8.91 -18.84 -3.82
C TYR A 269 8.51 -18.72 -2.35
N ILE A 270 9.50 -18.85 -1.47
CA ILE A 270 9.26 -18.79 -0.05
C ILE A 270 8.73 -17.44 0.43
N ALA A 271 7.83 -17.47 1.40
CA ALA A 271 7.31 -16.26 2.00
C ALA A 271 8.23 -16.00 3.20
N LYS A 272 8.94 -14.88 3.19
CA LYS A 272 9.87 -14.56 4.28
C LYS A 272 10.00 -13.06 4.45
N ASN A 273 10.36 -12.65 5.66
CA ASN A 273 10.56 -11.24 5.95
C ASN A 273 11.94 -10.87 5.46
N ILE A 274 12.02 -9.96 4.49
CA ILE A 274 13.30 -9.53 3.95
C ILE A 274 13.36 -8.02 3.75
N ASP A 275 14.51 -7.43 4.09
CA ASP A 275 14.72 -6.00 3.94
C ASP A 275 15.19 -5.68 2.52
N TRP A 276 14.28 -5.11 1.72
CA TRP A 276 14.61 -4.76 0.35
C TRP A 276 15.45 -3.49 0.34
N PRO A 277 16.59 -3.51 -0.38
CA PRO A 277 17.48 -2.35 -0.47
C PRO A 277 16.77 -1.12 -1.00
N ARG A 278 17.12 0.04 -0.45
CA ARG A 278 16.51 1.29 -0.86
C ARG A 278 17.52 2.23 -1.52
N ASP A 279 18.70 1.71 -1.83
CA ASP A 279 19.73 2.49 -2.50
C ASP A 279 19.30 2.64 -3.96
N SER A 280 19.90 3.61 -4.67
CA SER A 280 19.59 3.92 -6.05
C SER A 280 19.61 2.77 -7.05
N VAL A 281 20.37 1.72 -6.76
CA VAL A 281 20.44 0.59 -7.66
C VAL A 281 19.48 -0.53 -7.25
N GLY A 282 19.71 -1.12 -6.07
CA GLY A 282 18.90 -2.22 -5.58
C GLY A 282 17.40 -1.98 -5.46
N LYS A 283 16.99 -0.73 -5.24
CA LYS A 283 15.58 -0.43 -5.09
C LYS A 283 14.78 -0.81 -6.35
N ASN A 284 15.43 -0.76 -7.51
CA ASN A 284 14.78 -1.08 -8.77
C ASN A 284 14.68 -2.55 -9.10
N VAL A 285 15.40 -3.38 -8.36
CA VAL A 285 15.40 -4.82 -8.59
C VAL A 285 14.16 -5.50 -8.02
N GLN A 286 13.59 -6.43 -8.77
CA GLN A 286 12.41 -7.16 -8.32
C GLN A 286 12.53 -8.65 -8.64
N ILE A 287 11.73 -9.46 -7.94
CA ILE A 287 11.73 -10.90 -8.14
C ILE A 287 11.28 -11.20 -9.59
N GLN A 288 12.09 -11.99 -10.28
CA GLN A 288 11.87 -12.32 -11.68
C GLN A 288 11.05 -13.56 -12.04
N GLY A 289 11.15 -14.64 -11.28
CA GLY A 289 10.44 -15.84 -11.66
C GLY A 289 9.37 -16.38 -10.74
N SER A 290 8.72 -15.51 -9.98
CA SER A 290 7.67 -15.90 -9.05
C SER A 290 6.26 -15.58 -9.53
N ALA A 291 5.33 -16.45 -9.16
CA ALA A 291 3.91 -16.27 -9.48
C ALA A 291 3.40 -15.36 -8.35
N SER A 292 2.28 -14.67 -8.57
CA SER A 292 1.75 -13.79 -7.54
C SER A 292 0.28 -13.47 -7.67
N TYR A 293 -0.29 -12.95 -6.59
CA TYR A 293 -1.66 -12.50 -6.52
C TYR A 293 -1.49 -11.03 -6.20
N ILE A 294 -2.33 -10.18 -6.76
CA ILE A 294 -2.18 -8.75 -6.53
C ILE A 294 -3.51 -8.06 -6.72
N ASP A 295 -3.74 -7.02 -5.91
CA ASP A 295 -4.96 -6.18 -5.90
C ASP A 295 -6.23 -6.91 -5.47
N PRO A 296 -6.54 -6.88 -4.16
CA PRO A 296 -7.74 -7.55 -3.68
C PRO A 296 -9.04 -6.75 -3.79
N VAL A 297 -10.15 -7.46 -3.88
CA VAL A 297 -11.46 -6.86 -3.89
C VAL A 297 -12.27 -7.73 -2.95
N LEU A 298 -12.98 -7.11 -2.04
CA LEU A 298 -13.82 -7.85 -1.11
C LEU A 298 -15.28 -7.52 -1.42
N LEU A 299 -16.16 -8.49 -1.23
CA LEU A 299 -17.58 -8.27 -1.52
C LEU A 299 -18.45 -9.26 -0.76
N GLU A 300 -19.61 -8.80 -0.31
CA GLU A 300 -20.55 -9.66 0.42
C GLU A 300 -21.88 -9.73 -0.31
N ASP A 301 -22.48 -10.92 -0.30
CA ASP A 301 -23.79 -11.12 -0.87
C ASP A 301 -24.67 -11.07 0.37
N LYS A 302 -25.36 -9.96 0.59
CA LYS A 302 -26.20 -9.81 1.77
C LYS A 302 -27.39 -10.76 1.90
N LEU A 303 -27.77 -11.42 0.80
CA LEU A 303 -28.87 -12.38 0.85
C LEU A 303 -28.39 -13.72 1.41
N THR A 304 -27.24 -14.19 0.92
CA THR A 304 -26.70 -15.46 1.36
C THR A 304 -25.65 -15.32 2.46
N LYS A 305 -25.21 -14.09 2.70
CA LYS A 305 -24.17 -13.78 3.69
C LYS A 305 -22.79 -14.29 3.27
N ARG A 306 -22.67 -14.73 2.03
CA ARG A 306 -21.40 -15.21 1.48
C ARG A 306 -20.48 -14.03 1.17
N ILE A 307 -19.19 -14.19 1.41
CA ILE A 307 -18.22 -13.13 1.10
C ILE A 307 -17.30 -13.68 0.02
N PHE A 308 -16.76 -12.78 -0.80
CA PHE A 308 -15.89 -13.19 -1.90
C PHE A 308 -14.60 -12.37 -1.87
N LEU A 309 -13.51 -13.01 -2.27
CA LEU A 309 -12.22 -12.35 -2.36
C LEU A 309 -11.74 -12.56 -3.80
N PHE A 310 -11.47 -11.44 -4.49
CA PHE A 310 -10.97 -11.45 -5.85
C PHE A 310 -9.60 -10.79 -5.86
N ALA A 311 -8.76 -11.19 -6.80
CA ALA A 311 -7.42 -10.64 -6.96
C ALA A 311 -6.92 -11.06 -8.32
N ASP A 312 -5.92 -10.34 -8.84
CA ASP A 312 -5.33 -10.68 -10.11
C ASP A 312 -4.40 -11.83 -9.84
N LEU A 313 -4.34 -12.78 -10.76
CA LEU A 313 -3.46 -13.92 -10.62
C LEU A 313 -2.44 -13.83 -11.75
N MET A 314 -1.18 -13.63 -11.35
CA MET A 314 -0.05 -13.50 -12.26
C MET A 314 0.82 -14.74 -12.27
N PRO A 315 0.96 -15.39 -13.45
CA PRO A 315 1.79 -16.59 -13.58
C PRO A 315 3.24 -16.20 -13.28
N ALA A 316 4.10 -17.19 -13.07
CA ALA A 316 5.51 -16.94 -12.76
C ALA A 316 6.15 -15.90 -13.68
N GLY A 317 6.77 -14.89 -13.06
CA GLY A 317 7.45 -13.84 -13.78
C GLY A 317 6.57 -12.86 -14.53
N ILE A 318 5.26 -12.93 -14.32
CA ILE A 318 4.35 -12.06 -15.03
C ILE A 318 3.79 -10.91 -14.19
N GLY A 319 3.60 -9.78 -14.85
CA GLY A 319 3.02 -8.58 -14.28
C GLY A 319 2.16 -8.05 -15.42
N SER A 320 1.35 -7.03 -15.19
CA SER A 320 0.53 -6.51 -16.29
C SER A 320 1.37 -5.98 -17.46
N SER A 321 2.53 -5.40 -17.14
CA SER A 321 3.41 -4.85 -18.17
C SER A 321 3.97 -5.87 -19.14
N ASN A 322 4.15 -7.11 -18.68
CA ASN A 322 4.68 -8.13 -19.56
C ASN A 322 3.73 -9.29 -19.81
N ALA A 323 2.44 -9.06 -19.62
CA ALA A 323 1.44 -10.10 -19.84
C ALA A 323 1.29 -10.31 -21.35
N SER A 324 1.12 -11.56 -21.78
CA SER A 324 0.92 -11.86 -23.19
C SER A 324 -0.52 -11.55 -23.58
N VAL A 325 -0.72 -11.09 -24.81
CA VAL A 325 -2.05 -10.78 -25.29
C VAL A 325 -2.75 -12.09 -25.59
N GLY A 326 -3.94 -12.27 -25.04
CA GLY A 326 -4.70 -13.50 -25.24
C GLY A 326 -5.57 -13.75 -24.03
N SER A 327 -6.45 -14.74 -24.12
CA SER A 327 -7.34 -15.06 -23.00
C SER A 327 -6.72 -16.05 -22.03
N GLY A 328 -5.86 -16.94 -22.55
CA GLY A 328 -5.27 -17.96 -21.73
C GLY A 328 -6.18 -19.18 -21.78
N PHE A 329 -7.24 -19.08 -22.57
CA PHE A 329 -8.23 -20.14 -22.74
C PHE A 329 -8.31 -20.59 -24.20
N LYS A 330 -8.84 -21.80 -24.40
CA LYS A 330 -8.99 -22.38 -25.73
C LYS A 330 -10.39 -22.97 -25.78
N GLU A 331 -11.07 -22.79 -26.90
CA GLU A 331 -12.41 -23.34 -27.02
C GLU A 331 -12.42 -24.69 -27.72
N VAL A 332 -12.95 -25.68 -27.02
CA VAL A 332 -13.06 -27.05 -27.51
C VAL A 332 -14.48 -27.51 -27.21
N ASN A 333 -15.14 -28.07 -28.23
CA ASN A 333 -16.51 -28.56 -28.09
C ASN A 333 -17.39 -27.42 -27.59
N GLY A 334 -17.10 -26.22 -28.09
CA GLY A 334 -17.87 -25.03 -27.73
C GLY A 334 -17.72 -24.53 -26.32
N LYS A 335 -16.73 -25.03 -25.58
CA LYS A 335 -16.51 -24.62 -24.21
C LYS A 335 -15.08 -24.15 -24.02
N LYS A 336 -14.89 -23.10 -23.22
CA LYS A 336 -13.55 -22.57 -22.97
C LYS A 336 -12.89 -23.28 -21.81
N TYR A 337 -11.64 -23.70 -22.02
CA TYR A 337 -10.85 -24.38 -21.02
C TYR A 337 -9.50 -23.69 -20.92
N LEU A 338 -8.87 -23.78 -19.75
CA LEU A 338 -7.54 -23.19 -19.55
C LEU A 338 -6.52 -23.95 -20.40
N LYS A 339 -5.69 -23.22 -21.15
CA LYS A 339 -4.68 -23.83 -22.01
C LYS A 339 -3.41 -24.17 -21.25
N LEU A 340 -2.72 -25.23 -21.67
CA LEU A 340 -1.49 -25.62 -21.01
C LEU A 340 -0.46 -26.01 -22.04
N ARG A 341 0.79 -25.75 -21.70
CA ARG A 341 1.90 -26.08 -22.56
C ARG A 341 2.77 -27.12 -21.85
N TRP A 342 3.06 -28.22 -22.54
CA TRP A 342 3.93 -29.25 -21.98
C TRP A 342 5.33 -28.66 -22.08
N HIS A 343 6.03 -28.63 -20.96
CA HIS A 343 7.38 -28.04 -20.87
C HIS A 343 8.41 -28.47 -21.91
N LYS A 344 8.20 -29.60 -22.57
CA LYS A 344 9.16 -30.04 -23.58
C LYS A 344 8.76 -29.66 -25.00
N ASP A 345 7.60 -29.01 -25.14
CA ASP A 345 7.11 -28.59 -26.44
C ASP A 345 7.65 -27.20 -26.75
N ALA A 346 7.41 -26.71 -27.97
CA ALA A 346 7.88 -25.40 -28.38
C ALA A 346 7.36 -24.33 -27.40
N GLY A 347 8.13 -23.25 -27.27
CA GLY A 347 7.77 -22.17 -26.35
C GLY A 347 6.34 -21.64 -26.39
N ARG A 348 5.69 -21.68 -27.55
CA ARG A 348 4.32 -21.17 -27.66
C ARG A 348 3.30 -22.23 -28.10
N ALA A 349 3.60 -23.49 -27.83
CA ALA A 349 2.71 -24.59 -28.19
C ALA A 349 1.83 -24.99 -27.02
N TYR A 350 0.62 -24.44 -26.96
CA TYR A 350 -0.33 -24.75 -25.89
C TYR A 350 -1.27 -25.76 -26.48
N ASP A 351 -0.85 -27.02 -26.43
CA ASP A 351 -1.60 -28.11 -27.02
C ASP A 351 -2.43 -28.97 -26.06
N TYR A 352 -2.66 -28.47 -24.85
CA TYR A 352 -3.44 -29.21 -23.86
C TYR A 352 -4.43 -28.29 -23.18
N THR A 353 -5.46 -28.86 -22.57
CA THR A 353 -6.48 -28.07 -21.86
C THR A 353 -6.87 -28.76 -20.56
N ILE A 354 -7.30 -27.98 -19.58
CA ILE A 354 -7.77 -28.51 -18.32
C ILE A 354 -9.29 -28.58 -18.50
N ARG A 355 -9.83 -29.79 -18.58
CA ARG A 355 -11.26 -29.93 -18.77
C ARG A 355 -12.00 -30.29 -17.48
N GLU A 356 -13.21 -30.80 -17.62
CA GLU A 356 -14.04 -31.18 -16.47
C GLU A 356 -13.26 -32.03 -15.47
N LYS A 357 -13.48 -31.75 -14.19
CA LYS A 357 -12.83 -32.46 -13.10
C LYS A 357 -11.30 -32.32 -13.11
N GLY A 358 -10.81 -31.23 -13.71
CA GLY A 358 -9.38 -31.00 -13.77
C GLY A 358 -8.56 -31.94 -14.62
N VAL A 359 -9.22 -32.75 -15.45
CA VAL A 359 -8.51 -33.68 -16.31
C VAL A 359 -7.83 -32.90 -17.43
N ILE A 360 -6.54 -33.13 -17.62
CA ILE A 360 -5.80 -32.46 -18.67
C ILE A 360 -5.92 -33.29 -19.94
N TYR A 361 -6.26 -32.64 -21.04
CA TYR A 361 -6.45 -33.28 -22.33
C TYR A 361 -5.43 -32.90 -23.37
N ASN A 362 -5.14 -33.86 -24.24
CA ASN A 362 -4.24 -33.66 -25.37
C ASN A 362 -5.23 -33.27 -26.46
N ASP A 363 -5.29 -31.98 -26.76
CA ASP A 363 -6.23 -31.46 -27.75
C ASP A 363 -6.13 -32.10 -29.13
N ALA A 364 -4.91 -32.40 -29.56
CA ALA A 364 -4.69 -33.02 -30.88
C ALA A 364 -5.46 -34.32 -31.01
N THR A 365 -5.29 -35.20 -30.03
CA THR A 365 -5.96 -36.49 -30.04
C THR A 365 -7.34 -36.44 -29.38
N ASN A 366 -7.58 -35.39 -28.60
CA ASN A 366 -8.83 -35.20 -27.88
C ASN A 366 -9.01 -36.31 -26.84
N GLN A 367 -7.89 -36.78 -26.29
CA GLN A 367 -7.89 -37.85 -25.29
C GLN A 367 -7.27 -37.34 -24.00
N PRO A 368 -7.70 -37.87 -22.84
CA PRO A 368 -7.15 -37.44 -21.56
C PRO A 368 -5.70 -37.92 -21.41
N THR A 369 -4.91 -37.19 -20.65
CA THR A 369 -3.54 -37.55 -20.40
C THR A 369 -3.55 -38.27 -19.04
N GLU A 370 -2.38 -38.59 -18.50
CA GLU A 370 -2.29 -39.24 -17.19
C GLU A 370 -2.19 -38.16 -16.12
N PHE A 371 -2.42 -36.91 -16.52
CA PHE A 371 -2.32 -35.79 -15.60
C PHE A 371 -3.65 -35.14 -15.33
N ARG A 372 -3.75 -34.52 -14.16
CA ARG A 372 -4.95 -33.82 -13.75
C ARG A 372 -4.52 -32.72 -12.80
N VAL A 373 -5.47 -31.87 -12.47
CA VAL A 373 -5.23 -30.75 -11.58
C VAL A 373 -6.35 -30.80 -10.53
N ASP A 374 -6.05 -30.42 -9.30
CA ASP A 374 -7.06 -30.41 -8.24
C ASP A 374 -7.66 -29.00 -8.15
N GLY A 375 -8.46 -28.74 -7.12
CA GLY A 375 -9.08 -27.44 -6.94
C GLY A 375 -8.13 -26.30 -6.63
N GLU A 376 -6.85 -26.64 -6.47
CA GLU A 376 -5.83 -25.64 -6.20
C GLU A 376 -4.95 -25.45 -7.42
N TYR A 377 -5.24 -26.19 -8.48
CA TYR A 377 -4.47 -26.13 -9.72
C TYR A 377 -3.05 -26.70 -9.55
N ASN A 378 -2.91 -27.61 -8.61
CA ASN A 378 -1.64 -28.31 -8.36
C ASN A 378 -1.75 -29.59 -9.18
N LEU A 379 -0.64 -30.01 -9.76
CA LEU A 379 -0.57 -31.17 -10.64
C LEU A 379 -0.43 -32.56 -10.04
N TYR A 380 -1.11 -33.50 -10.68
CA TYR A 380 -1.09 -34.90 -10.29
C TYR A 380 -0.84 -35.75 -11.53
N GLN A 381 -0.09 -36.84 -11.35
CA GLN A 381 0.18 -37.76 -12.43
C GLN A 381 -0.13 -39.14 -11.85
N HIS A 382 -1.23 -39.73 -12.31
CA HIS A 382 -1.68 -41.03 -11.83
C HIS A 382 -1.94 -41.00 -10.32
N ASP A 383 -2.68 -39.99 -9.88
CA ASP A 383 -3.06 -39.79 -8.47
C ASP A 383 -1.95 -39.42 -7.48
N THR A 384 -0.75 -39.11 -7.97
CA THR A 384 0.33 -38.70 -7.07
C THR A 384 0.64 -37.23 -7.36
N ASN A 385 0.64 -36.41 -6.32
CA ASN A 385 0.91 -34.98 -6.47
C ASN A 385 2.36 -34.77 -6.89
N LEU A 386 2.53 -33.97 -7.94
CA LEU A 386 3.83 -33.63 -8.45
C LEU A 386 4.35 -32.50 -7.56
N THR A 387 5.66 -32.40 -7.43
CA THR A 387 6.23 -31.35 -6.60
C THR A 387 7.45 -30.77 -7.31
N CYS A 388 7.86 -29.59 -6.89
CA CYS A 388 9.04 -28.94 -7.46
C CYS A 388 9.72 -28.20 -6.31
N LYS A 389 11.01 -27.92 -6.48
CA LYS A 389 11.78 -27.23 -5.46
C LYS A 389 11.38 -25.75 -5.34
N GLN A 390 11.16 -25.31 -4.11
CA GLN A 390 10.81 -23.94 -3.82
C GLN A 390 12.05 -23.07 -3.94
N TYR A 391 11.85 -21.82 -4.36
CA TYR A 391 12.95 -20.89 -4.53
C TYR A 391 13.11 -19.97 -3.34
N ASP A 392 14.33 -19.50 -3.16
CA ASP A 392 14.66 -18.54 -2.11
C ASP A 392 15.28 -17.38 -2.90
N TYR A 393 15.36 -16.22 -2.29
CA TYR A 393 15.89 -15.04 -2.96
C TYR A 393 16.68 -14.21 -1.97
N ASN A 394 17.89 -13.82 -2.37
CA ASN A 394 18.76 -13.02 -1.51
C ASN A 394 19.60 -12.09 -2.37
N PHE A 395 19.98 -10.96 -1.83
CA PHE A 395 20.82 -10.02 -2.56
C PHE A 395 22.28 -10.33 -2.32
N SER A 396 23.04 -10.31 -3.40
CA SER A 396 24.48 -10.53 -3.37
C SER A 396 24.93 -9.20 -3.96
N GLY A 397 25.15 -8.22 -3.10
CA GLY A 397 25.51 -6.91 -3.59
C GLY A 397 24.22 -6.36 -4.18
N ASN A 398 24.30 -5.80 -5.38
CA ASN A 398 23.12 -5.25 -6.03
C ASN A 398 22.35 -6.29 -6.83
N ASN A 399 22.86 -7.51 -6.86
CA ASN A 399 22.21 -8.59 -7.62
C ASN A 399 21.29 -9.42 -6.77
N LEU A 400 20.09 -9.72 -7.28
CA LEU A 400 19.13 -10.54 -6.55
C LEU A 400 19.25 -11.98 -7.06
N ILE A 401 19.74 -12.87 -6.20
CA ILE A 401 19.93 -14.27 -6.55
C ILE A 401 18.68 -15.08 -6.19
N GLU A 402 18.10 -15.71 -7.20
CA GLU A 402 16.91 -16.54 -7.01
C GLU A 402 17.41 -17.97 -7.19
N SER A 403 17.48 -18.70 -6.09
CA SER A 403 18.01 -20.06 -6.12
C SER A 403 17.10 -21.11 -5.49
N LYS A 404 17.13 -22.30 -6.04
CA LYS A 404 16.32 -23.39 -5.52
C LYS A 404 16.81 -23.80 -4.15
N THR A 405 15.90 -24.37 -3.37
CA THR A 405 16.21 -24.87 -2.03
C THR A 405 15.90 -26.35 -2.10
N ASP A 406 15.94 -27.04 -0.96
CA ASP A 406 15.63 -28.46 -0.95
C ASP A 406 14.17 -28.68 -0.59
N VAL A 407 13.44 -27.61 -0.29
CA VAL A 407 12.04 -27.69 0.10
C VAL A 407 11.12 -28.04 -1.09
N ASP A 408 10.32 -29.09 -0.92
CA ASP A 408 9.40 -29.52 -1.95
C ASP A 408 8.04 -28.87 -1.77
N VAL A 409 7.48 -28.30 -2.83
CA VAL A 409 6.14 -27.71 -2.79
C VAL A 409 5.34 -28.34 -3.92
N ASN A 410 4.02 -28.35 -3.81
CA ASN A 410 3.20 -28.94 -4.85
C ASN A 410 3.37 -28.15 -6.15
N MET A 411 3.60 -28.85 -7.24
CA MET A 411 3.80 -28.25 -8.55
C MET A 411 2.48 -27.66 -9.08
N ASN A 412 2.43 -26.34 -9.20
CA ASN A 412 1.23 -25.65 -9.66
C ASN A 412 1.41 -25.21 -11.13
N ILE A 413 0.32 -25.22 -11.89
CA ILE A 413 0.39 -24.84 -13.31
C ILE A 413 0.89 -23.41 -13.55
N PHE A 414 0.93 -22.59 -12.50
CA PHE A 414 1.39 -21.22 -12.66
C PHE A 414 2.85 -21.01 -12.30
N TYR A 415 3.54 -22.09 -11.97
CA TYR A 415 4.94 -22.01 -11.58
C TYR A 415 5.89 -22.15 -12.77
N LYS A 416 7.04 -21.48 -12.67
CA LYS A 416 8.05 -21.50 -13.72
C LYS A 416 8.56 -22.90 -14.00
N ASN A 417 8.70 -23.73 -12.96
CA ASN A 417 9.22 -25.07 -13.14
C ASN A 417 8.19 -26.20 -13.23
N SER A 418 6.97 -25.86 -13.63
CA SER A 418 5.93 -26.86 -13.76
C SER A 418 6.09 -27.60 -15.09
N VAL A 419 5.68 -28.86 -15.13
CA VAL A 419 5.77 -29.65 -16.36
C VAL A 419 4.70 -29.26 -17.36
N PHE A 420 3.64 -28.62 -16.87
CA PHE A 420 2.52 -28.10 -17.67
C PHE A 420 2.35 -26.66 -17.21
N LYS A 421 2.55 -25.73 -18.14
CA LYS A 421 2.48 -24.31 -17.83
C LYS A 421 1.32 -23.57 -18.46
N ALA A 422 0.72 -22.66 -17.69
CA ALA A 422 -0.40 -21.86 -18.18
C ALA A 422 0.12 -20.74 -19.08
N PHE A 423 -0.76 -20.24 -19.94
CA PHE A 423 -0.43 -19.15 -20.86
C PHE A 423 -0.05 -17.93 -20.02
N PRO A 424 1.08 -17.26 -20.36
CA PRO A 424 1.54 -16.09 -19.61
C PRO A 424 0.80 -14.76 -19.67
N THR A 425 -0.52 -14.78 -19.50
CA THR A 425 -1.28 -13.55 -19.44
C THR A 425 -1.77 -13.49 -17.99
N ASN A 426 -2.59 -12.50 -17.61
CA ASN A 426 -3.08 -12.44 -16.23
C ASN A 426 -4.45 -13.09 -16.16
N TYR A 427 -4.80 -13.58 -14.98
CA TYR A 427 -6.09 -14.21 -14.77
C TYR A 427 -6.81 -13.51 -13.63
N LEU A 428 -8.10 -13.78 -13.50
CA LEU A 428 -8.91 -13.23 -12.42
C LEU A 428 -9.30 -14.42 -11.54
N ALA A 429 -8.88 -14.39 -10.29
CA ALA A 429 -9.18 -15.47 -9.37
C ALA A 429 -10.07 -15.03 -8.23
N MET A 430 -10.75 -16.00 -7.62
CA MET A 430 -11.62 -15.70 -6.50
C MET A 430 -11.90 -16.95 -5.68
N ARG A 431 -12.25 -16.74 -4.41
CA ARG A 431 -12.63 -17.80 -3.48
C ARG A 431 -13.80 -17.19 -2.72
N TYR A 432 -14.67 -18.03 -2.19
CA TYR A 432 -15.79 -17.54 -1.40
C TYR A 432 -15.71 -18.14 0.00
N SER A 433 -16.44 -17.56 0.93
CA SER A 433 -16.45 -18.04 2.31
C SER A 433 -17.81 -17.81 2.92
N ASP A 434 -18.34 -18.84 3.55
CA ASP A 434 -19.63 -18.74 4.21
C ASP A 434 -19.45 -18.64 5.72
N ASP A 435 -18.20 -18.53 6.17
CA ASP A 435 -17.92 -18.42 7.60
C ASP A 435 -16.94 -17.28 7.95
N GLU A 436 -17.07 -16.17 7.23
CA GLU A 436 -16.24 -14.99 7.46
C GLU A 436 -14.73 -15.22 7.46
N GLY A 437 -14.26 -16.06 6.55
CA GLY A 437 -12.83 -16.31 6.46
C GLY A 437 -12.28 -17.50 7.22
N ALA A 438 -13.12 -18.20 7.97
CA ALA A 438 -12.64 -19.38 8.70
C ALA A 438 -12.15 -20.42 7.67
N SER A 439 -12.85 -20.51 6.55
CA SER A 439 -12.49 -21.44 5.48
C SER A 439 -12.90 -20.82 4.15
N TRP A 440 -12.17 -21.14 3.08
CA TRP A 440 -12.46 -20.62 1.74
C TRP A 440 -12.60 -21.76 0.76
N SER A 441 -13.38 -21.53 -0.29
CA SER A 441 -13.61 -22.52 -1.33
C SER A 441 -12.37 -22.70 -2.21
N ASP A 442 -12.44 -23.66 -3.14
CA ASP A 442 -11.35 -23.90 -4.06
C ASP A 442 -11.14 -22.68 -4.95
N LEU A 443 -10.01 -22.65 -5.64
CA LEU A 443 -9.63 -21.56 -6.52
C LEU A 443 -10.54 -21.49 -7.75
N ASP A 444 -11.19 -20.36 -7.94
CA ASP A 444 -12.08 -20.18 -9.07
C ASP A 444 -11.52 -19.14 -10.02
N ILE A 445 -11.07 -19.57 -11.19
CA ILE A 445 -10.54 -18.64 -12.18
C ILE A 445 -11.72 -18.23 -13.05
N VAL A 446 -12.23 -17.02 -12.82
CA VAL A 446 -13.39 -16.54 -13.53
C VAL A 446 -13.12 -15.78 -14.83
N SER A 447 -11.86 -15.65 -15.23
CA SER A 447 -11.53 -14.91 -16.45
C SER A 447 -11.60 -15.65 -17.79
N SER A 448 -12.50 -16.62 -17.91
CA SER A 448 -12.63 -17.34 -19.17
C SER A 448 -13.09 -16.34 -20.23
N PHE A 449 -13.74 -15.27 -19.76
CA PHE A 449 -14.25 -14.24 -20.64
C PHE A 449 -13.21 -13.20 -21.09
N LYS A 450 -11.96 -13.32 -20.64
CA LYS A 450 -10.91 -12.35 -21.01
C LYS A 450 -10.81 -12.24 -22.54
N PRO A 451 -11.03 -11.03 -23.08
CA PRO A 451 -10.95 -10.85 -24.53
C PRO A 451 -9.63 -11.35 -25.09
N GLU A 452 -9.69 -12.13 -26.16
CA GLU A 452 -8.48 -12.66 -26.78
C GLU A 452 -7.58 -11.56 -27.33
N VAL A 453 -8.16 -10.37 -27.52
CA VAL A 453 -7.43 -9.21 -28.03
C VAL A 453 -6.80 -8.38 -26.90
N SER A 454 -7.09 -8.74 -25.65
CA SER A 454 -6.56 -8.00 -24.49
C SER A 454 -5.20 -8.43 -23.98
N LYS A 455 -4.40 -7.46 -23.56
CA LYS A 455 -3.09 -7.75 -22.98
C LYS A 455 -3.34 -8.17 -21.53
N PHE A 456 -4.18 -7.40 -20.84
CA PHE A 456 -4.53 -7.69 -19.45
C PHE A 456 -5.94 -7.20 -19.12
N LEU A 457 -6.57 -7.88 -18.19
CA LEU A 457 -7.91 -7.54 -17.71
C LEU A 457 -7.79 -7.80 -16.21
N VAL A 458 -7.73 -6.72 -15.45
CA VAL A 458 -7.53 -6.82 -14.01
C VAL A 458 -8.61 -6.11 -13.23
N VAL A 459 -8.59 -6.28 -11.91
CA VAL A 459 -9.59 -5.66 -11.04
C VAL A 459 -9.22 -4.25 -10.60
N GLY A 460 -10.23 -3.52 -10.17
CA GLY A 460 -10.03 -2.19 -9.61
C GLY A 460 -10.07 -2.55 -8.14
N PRO A 461 -8.93 -2.54 -7.43
CA PRO A 461 -8.89 -2.89 -6.01
C PRO A 461 -9.77 -2.10 -5.06
N GLY A 462 -10.22 -2.76 -4.01
CA GLY A 462 -11.10 -2.12 -3.03
C GLY A 462 -12.22 -3.08 -2.71
N ILE A 463 -13.45 -2.71 -3.02
CA ILE A 463 -14.61 -3.56 -2.74
C ILE A 463 -15.55 -3.59 -3.94
N GLY A 464 -16.39 -4.63 -3.99
CA GLY A 464 -17.38 -4.75 -5.04
C GLY A 464 -18.66 -4.08 -4.56
N LYS A 465 -19.75 -4.28 -5.29
CA LYS A 465 -21.02 -3.69 -4.93
C LYS A 465 -22.21 -4.59 -5.34
N GLN A 466 -23.17 -4.74 -4.44
CA GLN A 466 -24.36 -5.53 -4.74
C GLN A 466 -25.52 -4.54 -4.82
N ILE A 467 -26.32 -4.66 -5.87
CA ILE A 467 -27.46 -3.77 -6.06
C ILE A 467 -28.51 -4.17 -5.02
N SER A 468 -28.98 -3.20 -4.26
CA SER A 468 -29.95 -3.49 -3.22
C SER A 468 -31.40 -3.25 -3.60
N THR A 469 -31.64 -2.56 -4.72
CA THR A 469 -33.02 -2.28 -5.10
C THR A 469 -33.24 -2.13 -6.59
N GLY A 470 -34.50 -2.24 -7.00
CA GLY A 470 -34.85 -2.11 -8.41
C GLY A 470 -34.89 -3.45 -9.13
N GLU A 471 -34.97 -3.40 -10.46
CA GLU A 471 -35.02 -4.59 -11.26
C GLU A 471 -33.82 -5.54 -11.13
N ASN A 472 -32.64 -4.99 -10.87
CA ASN A 472 -31.44 -5.84 -10.73
C ASN A 472 -30.98 -6.07 -9.29
N ALA A 473 -31.90 -5.89 -8.33
CA ALA A 473 -31.58 -6.08 -6.92
C ALA A 473 -30.96 -7.47 -6.77
N GLY A 474 -29.85 -7.56 -6.04
CA GLY A 474 -29.19 -8.83 -5.83
C GLY A 474 -27.95 -9.03 -6.70
N ARG A 475 -27.88 -8.33 -7.83
CA ARG A 475 -26.73 -8.45 -8.73
C ARG A 475 -25.46 -8.00 -8.03
N LEU A 476 -24.39 -8.78 -8.23
CA LEU A 476 -23.08 -8.54 -7.64
C LEU A 476 -22.21 -7.93 -8.74
N LEU A 477 -21.44 -6.92 -8.41
CA LEU A 477 -20.56 -6.29 -9.42
C LEU A 477 -19.16 -6.04 -8.90
N VAL A 478 -18.19 -6.25 -9.77
CA VAL A 478 -16.78 -6.02 -9.46
C VAL A 478 -16.17 -5.20 -10.59
N PRO A 479 -15.57 -4.04 -10.23
CA PRO A 479 -14.93 -3.16 -11.22
C PRO A 479 -13.63 -3.75 -11.78
N LEU A 480 -13.42 -3.56 -13.08
CA LEU A 480 -12.25 -4.06 -13.79
C LEU A 480 -11.70 -2.98 -14.74
N TYR A 481 -10.51 -3.22 -15.28
CA TYR A 481 -9.92 -2.32 -16.27
C TYR A 481 -8.97 -3.14 -17.15
N SER A 482 -8.69 -2.67 -18.35
CA SER A 482 -7.85 -3.44 -19.25
C SER A 482 -7.18 -2.68 -20.39
N LYS A 483 -6.25 -3.37 -21.05
CA LYS A 483 -5.58 -2.88 -22.25
C LYS A 483 -6.28 -3.84 -23.21
N SER A 484 -7.31 -3.34 -23.87
CA SER A 484 -8.13 -4.16 -24.75
C SER A 484 -8.97 -3.22 -25.62
N SER A 485 -10.12 -3.70 -26.08
CA SER A 485 -11.02 -2.87 -26.88
C SER A 485 -11.74 -1.90 -25.94
N ALA A 486 -11.62 -2.16 -24.64
CA ALA A 486 -12.20 -1.33 -23.61
C ALA A 486 -11.15 -1.14 -22.51
N GLU A 487 -11.31 -0.07 -21.74
CA GLU A 487 -10.42 0.26 -20.66
C GLU A 487 -11.18 -0.11 -19.39
N LEU A 488 -12.19 0.69 -19.04
CA LEU A 488 -13.02 0.40 -17.88
C LEU A 488 -13.96 -0.76 -18.23
N GLY A 489 -14.19 -1.65 -17.28
CA GLY A 489 -15.07 -2.78 -17.47
C GLY A 489 -15.62 -3.24 -16.13
N PHE A 490 -16.49 -4.24 -16.15
CA PHE A 490 -17.10 -4.79 -14.94
C PHE A 490 -17.43 -6.26 -15.18
N MET A 491 -17.60 -7.00 -14.09
CA MET A 491 -18.04 -8.38 -14.18
C MET A 491 -19.15 -8.46 -13.15
N TYR A 492 -20.30 -8.99 -13.56
CA TYR A 492 -21.44 -9.10 -12.67
C TYR A 492 -21.99 -10.51 -12.60
N SER A 493 -22.72 -10.79 -11.53
CA SER A 493 -23.32 -12.09 -11.32
C SER A 493 -24.74 -11.91 -10.82
N ASP A 494 -25.66 -12.66 -11.42
CA ASP A 494 -27.07 -12.62 -11.03
C ASP A 494 -27.43 -13.90 -10.28
N ASP A 495 -26.47 -14.80 -10.14
CA ASP A 495 -26.73 -16.04 -9.43
C ASP A 495 -25.85 -16.18 -8.19
N HIS A 496 -25.79 -15.08 -7.43
CA HIS A 496 -25.04 -15.02 -6.19
C HIS A 496 -23.58 -15.45 -6.24
N GLY A 497 -22.91 -15.08 -7.32
CA GLY A 497 -21.50 -15.38 -7.47
C GLY A 497 -21.08 -16.67 -8.14
N ASP A 498 -22.04 -17.52 -8.50
CA ASP A 498 -21.69 -18.78 -9.15
C ASP A 498 -21.12 -18.58 -10.53
N ASN A 499 -21.66 -17.62 -11.28
CA ASN A 499 -21.20 -17.33 -12.64
C ASN A 499 -21.09 -15.82 -12.87
N TRP A 500 -20.11 -15.42 -13.67
CA TRP A 500 -19.86 -14.02 -13.94
C TRP A 500 -19.85 -13.64 -15.43
N THR A 501 -20.37 -12.45 -15.72
CA THR A 501 -20.45 -11.92 -17.07
C THR A 501 -19.61 -10.65 -17.18
N TYR A 502 -18.80 -10.55 -18.23
CA TYR A 502 -17.95 -9.39 -18.46
C TYR A 502 -18.67 -8.33 -19.29
N VAL A 503 -18.47 -7.07 -18.91
CA VAL A 503 -19.08 -5.93 -19.59
C VAL A 503 -18.02 -4.88 -19.92
N GLU A 504 -17.99 -4.42 -21.17
CA GLU A 504 -17.06 -3.37 -21.60
C GLU A 504 -17.80 -2.06 -21.33
N ALA A 505 -17.19 -1.17 -20.54
CA ALA A 505 -17.84 0.10 -20.22
C ALA A 505 -17.52 1.25 -21.17
N ASP A 506 -16.53 1.07 -22.03
CA ASP A 506 -16.16 2.10 -22.99
C ASP A 506 -15.46 1.45 -24.18
N ASN A 507 -14.96 2.26 -25.10
CA ASN A 507 -14.27 1.74 -26.27
C ASN A 507 -12.82 2.23 -26.33
N LEU A 508 -12.24 2.52 -25.16
CA LEU A 508 -10.87 3.02 -25.09
C LEU A 508 -9.85 1.89 -25.17
N THR A 509 -8.87 2.06 -26.05
CA THR A 509 -7.86 1.03 -26.28
C THR A 509 -6.48 1.37 -25.69
N GLY A 510 -6.37 2.51 -25.02
CA GLY A 510 -5.10 2.93 -24.46
C GLY A 510 -4.56 2.14 -23.27
N GLY A 511 -5.43 1.40 -22.59
CA GLY A 511 -4.98 0.61 -21.45
C GLY A 511 -4.49 1.40 -20.26
N ALA A 512 -5.08 2.57 -20.01
CA ALA A 512 -4.70 3.37 -18.85
C ALA A 512 -5.21 2.63 -17.61
N THR A 513 -4.65 2.98 -16.45
CA THR A 513 -5.03 2.35 -15.18
C THR A 513 -6.33 2.92 -14.66
N ALA A 514 -7.45 2.48 -15.23
CA ALA A 514 -8.77 2.96 -14.87
C ALA A 514 -9.39 2.26 -13.66
N GLU A 515 -8.68 2.29 -12.53
CA GLU A 515 -9.14 1.69 -11.29
C GLU A 515 -10.39 2.48 -10.89
N ALA A 516 -11.43 1.78 -10.46
CA ALA A 516 -12.68 2.42 -10.11
C ALA A 516 -13.36 1.72 -8.97
N GLN A 517 -14.36 2.40 -8.39
CA GLN A 517 -15.17 1.89 -7.30
C GLN A 517 -16.62 2.28 -7.62
N ILE A 518 -17.55 1.50 -7.09
CA ILE A 518 -18.96 1.68 -7.39
C ILE A 518 -19.89 2.04 -6.23
N VAL A 519 -20.80 2.99 -6.44
CA VAL A 519 -21.78 3.36 -5.42
C VAL A 519 -23.19 3.30 -6.04
N GLU A 520 -24.18 3.02 -5.21
CA GLU A 520 -25.55 2.91 -5.67
C GLU A 520 -26.39 4.13 -5.33
N MET A 521 -27.23 4.53 -6.29
CA MET A 521 -28.13 5.67 -6.10
C MET A 521 -29.40 5.15 -5.44
N PRO A 522 -30.21 6.05 -4.86
CA PRO A 522 -31.45 5.63 -4.19
C PRO A 522 -32.37 4.67 -4.94
N ASP A 523 -32.48 4.82 -6.26
CA ASP A 523 -33.36 3.96 -7.06
C ASP A 523 -32.69 2.69 -7.56
N GLY A 524 -31.43 2.49 -7.20
CA GLY A 524 -30.73 1.30 -7.65
C GLY A 524 -29.83 1.52 -8.84
N SER A 525 -29.84 2.73 -9.41
CA SER A 525 -28.97 3.03 -10.53
C SER A 525 -27.57 3.12 -9.91
N LEU A 526 -26.54 3.11 -10.74
CA LEU A 526 -25.18 3.12 -10.23
C LEU A 526 -24.30 4.21 -10.80
N LYS A 527 -23.37 4.69 -9.98
CA LYS A 527 -22.40 5.67 -10.41
C LYS A 527 -21.04 5.06 -10.07
N THR A 528 -20.14 5.07 -11.03
CA THR A 528 -18.80 4.54 -10.83
C THR A 528 -17.82 5.70 -10.99
N TYR A 529 -16.92 5.84 -10.03
CA TYR A 529 -15.91 6.89 -10.03
C TYR A 529 -14.60 6.19 -10.32
N LEU A 530 -13.83 6.74 -11.25
CA LEU A 530 -12.59 6.11 -11.65
C LEU A 530 -11.40 7.03 -11.86
N ARG A 531 -10.21 6.46 -11.72
CA ARG A 531 -8.98 7.20 -11.98
C ARG A 531 -8.85 7.24 -13.52
N THR A 532 -8.19 8.27 -14.03
CA THR A 532 -7.96 8.39 -15.47
C THR A 532 -6.51 8.82 -15.67
N GLY A 533 -6.11 8.96 -16.93
CA GLY A 533 -4.76 9.39 -17.26
C GLY A 533 -4.78 10.86 -17.56
N SER A 534 -5.91 11.50 -17.26
CA SER A 534 -6.05 12.92 -17.46
C SER A 534 -5.80 13.53 -16.08
N ASN A 535 -6.25 14.76 -15.87
CA ASN A 535 -6.02 15.40 -14.57
C ASN A 535 -7.32 15.44 -13.79
N CYS A 536 -8.10 14.38 -13.87
CA CYS A 536 -9.37 14.35 -13.16
C CYS A 536 -9.87 12.94 -12.87
N ILE A 537 -10.75 12.86 -11.89
CA ILE A 537 -11.39 11.61 -11.53
C ILE A 537 -12.64 11.67 -12.41
N ALA A 538 -12.98 10.58 -13.09
CA ALA A 538 -14.16 10.56 -13.95
C ALA A 538 -15.33 9.83 -13.31
N GLU A 539 -16.52 10.12 -13.79
CA GLU A 539 -17.75 9.52 -13.30
C GLU A 539 -18.57 9.00 -14.48
N VAL A 540 -19.12 7.80 -14.33
CA VAL A 540 -19.97 7.17 -15.34
C VAL A 540 -21.19 6.62 -14.61
N THR A 541 -22.33 6.65 -15.26
CA THR A 541 -23.59 6.19 -14.67
C THR A 541 -24.21 5.06 -15.47
N SER A 542 -24.87 4.16 -14.76
CA SER A 542 -25.55 3.03 -15.38
C SER A 542 -26.98 3.03 -14.86
N ILE A 543 -27.89 2.80 -15.80
CA ILE A 543 -29.30 2.79 -15.51
C ILE A 543 -29.91 1.41 -15.76
N ASP A 544 -29.06 0.45 -16.12
CA ASP A 544 -29.50 -0.91 -16.41
C ASP A 544 -28.69 -1.98 -15.65
N GLY A 545 -28.46 -1.72 -14.37
CA GLY A 545 -27.71 -2.66 -13.54
C GLY A 545 -26.27 -2.93 -13.94
N GLY A 546 -25.61 -1.95 -14.54
CA GLY A 546 -24.23 -2.12 -14.92
C GLY A 546 -23.95 -2.72 -16.29
N GLU A 547 -24.99 -2.91 -17.10
CA GLU A 547 -24.82 -3.49 -18.43
C GLU A 547 -24.30 -2.47 -19.45
N THR A 548 -24.74 -1.22 -19.33
CA THR A 548 -24.28 -0.15 -20.20
C THR A 548 -23.93 1.03 -19.32
N TRP A 549 -22.94 1.81 -19.75
CA TRP A 549 -22.47 2.94 -18.98
C TRP A 549 -22.37 4.20 -19.82
N SER A 550 -22.64 5.36 -19.21
CA SER A 550 -22.56 6.62 -19.93
C SER A 550 -21.09 6.98 -20.14
N ASP A 551 -20.85 7.99 -20.97
CA ASP A 551 -19.48 8.44 -21.24
C ASP A 551 -18.91 9.11 -20.01
N ARG A 552 -17.60 9.07 -19.86
CA ARG A 552 -16.94 9.68 -18.72
C ARG A 552 -17.19 11.17 -18.58
N VAL A 553 -17.49 11.61 -17.36
CA VAL A 553 -17.71 13.01 -17.06
C VAL A 553 -16.78 13.35 -15.90
N PRO A 554 -15.98 14.43 -16.03
CA PRO A 554 -15.05 14.84 -14.97
C PRO A 554 -15.74 15.23 -13.67
N LEU A 555 -15.15 14.79 -12.57
CA LEU A 555 -15.67 15.12 -11.26
C LEU A 555 -15.09 16.50 -10.93
N GLN A 556 -15.93 17.52 -11.10
CA GLN A 556 -15.52 18.91 -10.86
C GLN A 556 -15.13 19.26 -9.42
N GLY A 557 -13.98 19.89 -9.27
CA GLY A 557 -13.54 20.31 -7.95
C GLY A 557 -12.64 19.44 -7.10
N ILE A 558 -12.39 18.20 -7.51
CA ILE A 558 -11.52 17.33 -6.75
C ILE A 558 -10.27 17.09 -7.58
N SER A 559 -9.21 17.81 -7.23
CA SER A 559 -7.94 17.75 -7.93
C SER A 559 -7.19 16.44 -7.79
N THR A 560 -6.35 16.16 -8.76
CA THR A 560 -5.54 14.95 -8.76
C THR A 560 -4.35 15.14 -9.70
N THR A 561 -3.57 14.08 -9.86
CA THR A 561 -2.39 14.10 -10.70
C THR A 561 -2.74 13.64 -12.12
N SER A 562 -1.81 13.80 -13.05
CA SER A 562 -2.01 13.39 -14.43
C SER A 562 -2.09 11.86 -14.52
N TYR A 563 -1.21 11.20 -13.78
CA TYR A 563 -1.18 9.73 -13.76
C TYR A 563 -2.31 9.16 -12.91
N GLY A 564 -2.71 9.92 -11.89
CA GLY A 564 -3.81 9.50 -11.03
C GLY A 564 -3.47 8.49 -9.94
N THR A 565 -4.47 8.21 -9.10
CA THR A 565 -4.33 7.26 -8.01
C THR A 565 -5.66 6.55 -7.79
N GLN A 566 -5.60 5.33 -7.29
CA GLN A 566 -6.81 4.56 -6.97
C GLN A 566 -7.58 5.38 -5.95
N LEU A 567 -8.90 5.26 -5.96
CA LEU A 567 -9.74 5.99 -5.04
C LEU A 567 -10.72 5.04 -4.39
N SER A 568 -11.35 5.52 -3.32
CA SER A 568 -12.36 4.74 -2.62
C SER A 568 -13.58 5.62 -2.51
N VAL A 569 -14.73 5.08 -2.91
CA VAL A 569 -15.98 5.79 -2.79
C VAL A 569 -16.98 4.75 -2.30
N ILE A 570 -17.75 5.10 -1.27
CA ILE A 570 -18.72 4.18 -0.68
C ILE A 570 -20.03 4.85 -0.34
N ASN A 571 -21.06 4.03 -0.17
CA ASN A 571 -22.37 4.50 0.22
C ASN A 571 -22.34 4.58 1.74
N TYR A 572 -23.10 5.51 2.32
CA TYR A 572 -23.19 5.64 3.76
C TYR A 572 -24.67 5.33 4.06
N SER A 573 -24.94 4.56 5.11
CA SER A 573 -26.30 4.12 5.40
C SER A 573 -27.30 5.14 5.92
N GLN A 574 -26.80 6.21 6.54
CA GLN A 574 -27.69 7.23 7.07
C GLN A 574 -27.53 8.52 6.30
N PRO A 575 -28.60 9.33 6.26
CA PRO A 575 -28.48 10.59 5.52
C PRO A 575 -27.57 11.59 6.26
N ILE A 576 -26.96 12.50 5.52
CA ILE A 576 -26.10 13.53 6.10
C ILE A 576 -26.74 14.82 5.59
N ASP A 577 -27.09 15.72 6.50
CA ASP A 577 -27.79 16.96 6.17
C ASP A 577 -29.15 16.58 5.54
N GLY A 578 -29.68 15.43 5.97
CA GLY A 578 -30.97 14.96 5.46
C GLY A 578 -30.97 14.37 4.06
N LYS A 579 -29.81 14.22 3.43
CA LYS A 579 -29.74 13.67 2.08
C LYS A 579 -28.91 12.39 1.98
N PRO A 580 -29.20 11.53 0.97
CA PRO A 580 -28.41 10.30 0.82
C PRO A 580 -26.98 10.79 0.61
N ALA A 581 -25.99 10.07 1.12
CA ALA A 581 -24.62 10.52 0.97
C ALA A 581 -23.65 9.43 0.59
N ILE A 582 -22.58 9.83 -0.11
CA ILE A 582 -21.52 8.92 -0.52
C ILE A 582 -20.23 9.56 0.00
N ILE A 583 -19.22 8.75 0.26
CA ILE A 583 -17.97 9.25 0.80
C ILE A 583 -16.81 8.82 -0.07
N LEU A 584 -15.93 9.76 -0.37
CA LEU A 584 -14.79 9.51 -1.25
C LEU A 584 -13.46 9.84 -0.59
N SER A 585 -12.45 9.02 -0.89
CA SER A 585 -11.12 9.18 -0.34
C SER A 585 -10.13 9.16 -1.50
N SER A 586 -9.17 10.09 -1.48
CA SER A 586 -8.18 10.16 -2.53
C SER A 586 -7.14 11.26 -2.25
N PRO A 587 -5.90 11.06 -2.71
CA PRO A 587 -4.88 12.11 -2.48
C PRO A 587 -5.39 13.31 -3.33
N ASN A 588 -5.21 14.52 -2.82
CA ASN A 588 -5.71 15.72 -3.50
C ASN A 588 -4.67 16.62 -4.19
N ALA A 589 -3.39 16.28 -4.08
CA ALA A 589 -2.33 17.07 -4.71
C ALA A 589 -2.32 16.90 -6.24
N THR A 590 -1.82 17.91 -6.95
CA THR A 590 -1.76 17.83 -8.41
C THR A 590 -0.46 17.20 -8.91
N ASN A 591 0.42 16.87 -7.98
CA ASN A 591 1.67 16.20 -8.30
C ASN A 591 2.15 15.50 -7.06
N GLY A 592 2.37 14.20 -7.19
CA GLY A 592 2.77 13.40 -6.06
C GLY A 592 1.50 12.90 -5.39
N ARG A 593 1.57 11.72 -4.79
CA ARG A 593 0.42 11.15 -4.10
C ARG A 593 0.50 11.62 -2.66
N LYS A 594 -0.15 12.74 -2.39
CA LYS A 594 -0.16 13.32 -1.05
C LYS A 594 -1.39 14.18 -0.80
N ASN A 595 -1.50 14.65 0.44
CA ASN A 595 -2.62 15.48 0.88
C ASN A 595 -3.92 14.72 0.69
N GLY A 596 -4.03 13.59 1.40
CA GLY A 596 -5.23 12.78 1.30
C GLY A 596 -6.42 13.46 1.92
N LYS A 597 -7.57 13.32 1.27
CA LYS A 597 -8.78 13.93 1.78
C LYS A 597 -9.98 12.99 1.65
N ILE A 598 -10.91 13.16 2.58
CA ILE A 598 -12.14 12.41 2.62
C ILE A 598 -13.23 13.45 2.32
N TRP A 599 -13.99 13.22 1.26
CA TRP A 599 -15.06 14.11 0.83
C TRP A 599 -16.41 13.44 1.05
N ILE A 600 -17.43 14.25 1.33
CA ILE A 600 -18.78 13.74 1.51
C ILE A 600 -19.62 14.37 0.40
N GLY A 601 -20.25 13.52 -0.40
CA GLY A 601 -21.08 13.99 -1.50
C GLY A 601 -22.53 13.68 -1.20
N LEU A 602 -23.37 14.70 -1.31
CA LEU A 602 -24.81 14.59 -1.07
C LEU A 602 -25.54 14.37 -2.38
N VAL A 603 -26.38 13.35 -2.40
CA VAL A 603 -27.15 12.98 -3.59
C VAL A 603 -28.42 13.82 -3.72
N ASN A 604 -28.59 14.43 -4.89
CA ASN A 604 -29.76 15.27 -5.21
C ASN A 604 -30.50 14.71 -6.40
N ASP A 605 -31.83 14.66 -6.31
CA ASP A 605 -32.65 14.16 -7.41
C ASP A 605 -33.17 15.34 -8.23
N THR A 606 -32.71 15.44 -9.47
CA THR A 606 -33.13 16.50 -10.38
C THR A 606 -34.49 16.16 -10.98
N GLY A 607 -34.94 14.93 -10.78
CA GLY A 607 -36.21 14.52 -11.32
C GLY A 607 -36.12 14.20 -12.80
N ASN A 608 -34.95 14.45 -13.41
CA ASN A 608 -34.77 14.12 -14.81
C ASN A 608 -34.76 12.60 -14.82
N THR A 609 -34.94 12.00 -15.99
CA THR A 609 -34.94 10.55 -16.06
C THR A 609 -33.59 10.05 -16.53
N GLY A 610 -33.33 8.76 -16.28
CA GLY A 610 -32.09 8.15 -16.69
C GLY A 610 -30.82 8.69 -16.07
N ILE A 611 -29.77 8.73 -16.89
CA ILE A 611 -28.45 9.19 -16.51
C ILE A 611 -28.39 10.51 -15.73
N ASP A 612 -29.20 11.49 -16.10
CA ASP A 612 -29.16 12.78 -15.43
C ASP A 612 -30.07 12.93 -14.21
N LYS A 613 -30.68 11.84 -13.75
CA LYS A 613 -31.58 11.89 -12.61
C LYS A 613 -30.93 12.42 -11.33
N TYR A 614 -29.72 11.97 -11.03
CA TYR A 614 -29.02 12.40 -9.82
C TYR A 614 -27.77 13.25 -10.02
N SER A 615 -27.56 14.16 -9.07
CA SER A 615 -26.43 15.06 -9.06
C SER A 615 -25.84 14.97 -7.66
N VAL A 616 -24.51 14.87 -7.57
CA VAL A 616 -23.84 14.78 -6.27
C VAL A 616 -23.12 16.08 -5.92
N GLU A 617 -23.47 16.66 -4.77
CA GLU A 617 -22.85 17.88 -4.31
C GLU A 617 -21.73 17.52 -3.34
N TRP A 618 -20.49 17.66 -3.79
CA TRP A 618 -19.35 17.37 -2.93
C TRP A 618 -19.19 18.53 -1.97
N LYS A 619 -20.02 18.51 -0.93
CA LYS A 619 -20.08 19.58 0.06
C LYS A 619 -18.99 19.68 1.13
N TYR A 620 -18.41 18.56 1.54
CA TYR A 620 -17.39 18.59 2.58
C TYR A 620 -16.10 17.91 2.13
N SER A 621 -14.98 18.39 2.65
CA SER A 621 -13.67 17.80 2.39
C SER A 621 -12.98 17.78 3.75
N TYR A 622 -12.20 16.74 4.03
CA TYR A 622 -11.53 16.62 5.30
C TYR A 622 -10.08 16.23 5.06
N ALA A 623 -9.16 17.12 5.43
CA ALA A 623 -7.74 16.87 5.25
C ALA A 623 -7.21 16.03 6.39
N VAL A 624 -6.70 14.85 6.03
CA VAL A 624 -6.18 13.87 6.95
C VAL A 624 -4.87 14.28 7.67
N ASP A 625 -4.05 15.09 7.00
CA ASP A 625 -2.76 15.53 7.55
C ASP A 625 -2.39 16.82 6.80
N THR A 626 -1.13 17.24 6.84
CA THR A 626 -0.71 18.45 6.15
C THR A 626 -0.51 18.15 4.66
N PRO A 627 -0.54 19.19 3.79
CA PRO A 627 -0.39 19.06 2.33
C PRO A 627 0.70 18.21 1.70
N GLN A 628 1.87 18.15 2.31
CA GLN A 628 2.95 17.36 1.73
C GLN A 628 3.02 15.91 2.23
N MET A 629 2.20 15.57 3.21
CA MET A 629 2.20 14.22 3.77
C MET A 629 1.62 13.22 2.77
N GLY A 630 2.34 12.10 2.58
CA GLY A 630 1.97 11.08 1.62
C GLY A 630 0.64 10.38 1.87
N TYR A 631 -0.03 10.03 0.77
CA TYR A 631 -1.34 9.37 0.82
C TYR A 631 -1.60 8.79 -0.55
N SER A 632 -1.66 7.45 -0.64
CA SER A 632 -1.88 6.79 -1.90
C SER A 632 -3.19 6.00 -1.95
N TYR A 633 -3.14 4.69 -2.18
CA TYR A 633 -4.37 3.88 -2.24
C TYR A 633 -5.10 3.84 -0.90
N SER A 634 -6.42 3.67 -0.94
CA SER A 634 -7.21 3.63 0.28
C SER A 634 -8.51 2.87 0.10
N CYS A 635 -9.20 2.61 1.21
CA CYS A 635 -10.50 1.95 1.19
C CYS A 635 -11.27 2.33 2.46
N LEU A 636 -12.43 2.93 2.24
CA LEU A 636 -13.32 3.38 3.29
C LEU A 636 -14.30 2.29 3.64
N ALA A 637 -14.87 2.39 4.84
CA ALA A 637 -15.88 1.43 5.27
C ALA A 637 -16.69 2.05 6.38
N GLU A 638 -18.00 1.86 6.34
CA GLU A 638 -18.85 2.38 7.39
C GLU A 638 -18.81 1.31 8.47
N LEU A 639 -18.31 1.66 9.64
CA LEU A 639 -18.22 0.72 10.76
C LEU A 639 -19.57 0.56 11.45
N PRO A 640 -19.73 -0.48 12.28
CA PRO A 640 -21.00 -0.70 12.99
C PRO A 640 -21.47 0.52 13.79
N ASP A 641 -20.57 1.25 14.44
CA ASP A 641 -21.02 2.46 15.13
C ASP A 641 -21.21 3.46 13.98
N GLY A 642 -21.37 4.73 14.24
CA GLY A 642 -21.55 5.60 13.08
C GLY A 642 -20.30 5.90 12.25
N GLN A 643 -19.14 5.53 12.79
CA GLN A 643 -17.87 5.84 12.14
C GLN A 643 -17.52 5.32 10.75
N VAL A 644 -16.56 6.02 10.14
CA VAL A 644 -16.05 5.67 8.82
C VAL A 644 -14.60 5.23 9.03
N GLY A 645 -14.34 3.96 8.80
CA GLY A 645 -13.01 3.43 8.91
C GLY A 645 -12.23 3.73 7.64
N LEU A 646 -10.91 3.83 7.76
CA LEU A 646 -10.05 4.14 6.64
C LEU A 646 -8.76 3.34 6.72
N LEU A 647 -8.54 2.46 5.74
CA LEU A 647 -7.31 1.69 5.66
C LEU A 647 -6.63 2.30 4.45
N TYR A 648 -5.43 2.84 4.63
CA TYR A 648 -4.77 3.52 3.52
C TYR A 648 -3.25 3.49 3.59
N GLU A 649 -2.62 3.87 2.49
CA GLU A 649 -1.18 3.92 2.36
C GLU A 649 -0.72 5.34 2.70
N LYS A 650 -0.08 5.50 3.85
CA LYS A 650 0.39 6.83 4.26
C LYS A 650 1.79 7.15 3.72
N TYR A 651 1.90 7.17 2.41
CA TYR A 651 3.15 7.49 1.74
C TYR A 651 2.85 7.73 0.26
N ASP A 652 3.86 8.12 -0.50
CA ASP A 652 3.69 8.36 -1.93
C ASP A 652 4.16 7.12 -2.69
N SER A 653 3.23 6.23 -3.02
CA SER A 653 3.57 4.98 -3.73
C SER A 653 4.02 5.15 -5.17
N TRP A 654 4.00 6.38 -5.65
CA TRP A 654 4.42 6.69 -7.02
C TRP A 654 5.91 7.05 -7.01
N SER A 655 6.31 7.83 -6.01
CA SER A 655 7.69 8.26 -5.86
C SER A 655 8.70 7.12 -5.86
N ARG A 656 9.73 7.27 -6.68
CA ARG A 656 10.80 6.30 -6.77
C ARG A 656 11.72 6.45 -5.57
N ASN A 657 11.41 7.42 -4.70
CA ASN A 657 12.22 7.68 -3.51
C ASN A 657 11.57 7.10 -2.25
N GLU A 658 10.34 6.60 -2.40
CA GLU A 658 9.60 6.04 -1.27
C GLU A 658 9.20 4.57 -1.43
N LEU A 659 10.03 3.81 -2.13
CA LEU A 659 9.80 2.40 -2.35
C LEU A 659 10.26 1.60 -1.14
N HIS A 660 9.66 0.44 -0.94
CA HIS A 660 10.06 -0.48 0.11
C HIS A 660 10.07 0.10 1.53
N LEU A 661 8.95 0.67 1.93
CA LEU A 661 8.82 1.24 3.26
C LEU A 661 7.90 0.35 4.08
N LYS A 662 8.32 0.04 5.31
CA LYS A 662 7.50 -0.79 6.18
C LYS A 662 6.56 0.10 6.99
N ASP A 663 5.48 -0.50 7.48
CA ASP A 663 4.54 0.20 8.36
C ASP A 663 3.89 1.44 7.77
N ILE A 664 3.44 1.35 6.52
CA ILE A 664 2.78 2.49 5.88
C ILE A 664 1.27 2.30 5.67
N LEU A 665 0.77 1.11 5.93
CA LEU A 665 -0.65 0.82 5.76
C LEU A 665 -1.34 1.04 7.09
N LYS A 666 -2.00 2.19 7.23
CA LYS A 666 -2.66 2.56 8.47
C LYS A 666 -4.18 2.48 8.48
N PHE A 667 -4.73 2.19 9.66
CA PHE A 667 -6.18 2.11 9.86
C PHE A 667 -6.59 3.23 10.81
N GLU A 668 -7.51 4.08 10.36
CA GLU A 668 -8.00 5.19 11.18
C GLU A 668 -9.53 5.27 11.06
N LYS A 669 -10.17 5.89 12.05
CA LYS A 669 -11.63 6.03 12.10
C LYS A 669 -12.02 7.49 12.33
N TYR A 670 -13.08 7.92 11.67
CA TYR A 670 -13.58 9.29 11.78
C TYR A 670 -15.09 9.30 11.90
N SER A 671 -15.61 10.22 12.70
CA SER A 671 -17.05 10.33 12.86
C SER A 671 -17.54 11.31 11.80
N ILE A 672 -18.84 11.30 11.52
CA ILE A 672 -19.38 12.21 10.52
C ILE A 672 -19.20 13.64 11.04
N SER A 673 -19.27 13.82 12.36
CA SER A 673 -19.09 15.13 12.98
C SER A 673 -17.76 15.72 12.55
N GLU A 674 -16.71 14.91 12.69
CA GLU A 674 -15.36 15.32 12.31
C GLU A 674 -15.30 15.59 10.81
N LEU A 675 -15.75 14.62 10.02
CA LEU A 675 -15.72 14.74 8.56
C LEU A 675 -16.40 16.00 8.03
N THR A 676 -17.50 16.41 8.67
CA THR A 676 -18.22 17.59 8.23
C THR A 676 -17.72 18.87 8.88
N GLY A 677 -16.59 18.76 9.57
CA GLY A 677 -16.00 19.93 10.22
C GLY A 677 -16.73 20.30 11.49
N GLN A 678 -17.75 19.53 11.84
CA GLN A 678 -18.53 19.76 13.06
C GLN A 678 -17.63 19.43 14.26
N ALA A 679 -16.68 18.53 14.03
CA ALA A 679 -15.71 18.05 15.02
C ALA A 679 -16.35 17.05 15.98
#